data_1KZ9
#
_entry.id   1KZ9
#
_cell.length_a   111.758
_cell.length_b   145.504
_cell.length_c   129.127
_cell.angle_alpha   90.00
_cell.angle_beta   90.00
_cell.angle_gamma   90.00
#
_symmetry.space_group_name_H-M   'C 2 2 21'
#
loop_
_entity.id
_entity.type
_entity.pdbx_description
1 polymer '6,7-Dimethyl-8-ribityllumazine Synthase'
2 non-polymer 'PHOSPHATE ION'
3 water water
#
_entity_poly.entity_id   1
_entity_poly.type   'polypeptide(L)'
_entity_poly.pdbx_seq_one_letter_code
;MFSGIKGPNPSDLKGPELRILIVHARWNLQAIEPLVKGAVETMIEKHDVKLENIDIESVPGSWELPQGIRASIARNTYDA
VIGIGVLIKGSTMHFEYISEAVVHGLMRVGLDSGVPVIFGLLTVLNEEQALYRAGLNGGHNHGNDWGSAAVEMGLKALY
;
_entity_poly.pdbx_strand_id   A,B,C,D,E
#
loop_
_chem_comp.id
_chem_comp.type
_chem_comp.name
_chem_comp.formula
PO4 non-polymer 'PHOSPHATE ION' 'O4 P -3'
#
# COMPACT_ATOMS: atom_id res chain seq x y z
N ASP A 12 -35.23 -3.02 -5.97
CA ASP A 12 -36.13 -2.10 -6.74
C ASP A 12 -35.58 -1.78 -8.15
N LEU A 13 -34.25 -1.84 -8.30
CA LEU A 13 -33.56 -1.56 -9.55
C LEU A 13 -33.57 -2.76 -10.50
N LYS A 14 -33.81 -2.50 -11.77
CA LYS A 14 -33.83 -3.55 -12.78
C LYS A 14 -32.73 -3.28 -13.80
N GLY A 15 -31.99 -4.32 -14.16
CA GLY A 15 -30.92 -4.16 -15.12
C GLY A 15 -30.87 -5.30 -16.13
N PRO A 16 -31.84 -5.36 -17.04
CA PRO A 16 -31.93 -6.41 -18.06
C PRO A 16 -30.87 -6.34 -19.18
N GLU A 17 -30.28 -5.17 -19.38
CA GLU A 17 -29.26 -5.01 -20.42
C GLU A 17 -27.85 -5.10 -19.85
N LEU A 18 -27.75 -5.37 -18.55
CA LEU A 18 -26.46 -5.48 -17.88
C LEU A 18 -25.73 -6.79 -18.13
N ARG A 19 -24.42 -6.68 -18.31
CA ARG A 19 -23.58 -7.85 -18.51
C ARG A 19 -22.70 -7.85 -17.28
N ILE A 20 -22.81 -8.90 -16.47
CA ILE A 20 -22.05 -9.02 -15.24
C ILE A 20 -21.02 -10.13 -15.33
N LEU A 21 -19.88 -9.92 -14.68
CA LEU A 21 -18.81 -10.91 -14.65
C LEU A 21 -18.56 -11.37 -13.22
N ILE A 22 -18.51 -12.68 -13.02
CA ILE A 22 -18.24 -13.24 -11.70
C ILE A 22 -16.98 -14.10 -11.78
N VAL A 23 -15.98 -13.78 -10.95
CA VAL A 23 -14.76 -14.57 -10.93
C VAL A 23 -14.63 -15.04 -9.51
N HIS A 24 -14.58 -16.35 -9.34
CA HIS A 24 -14.47 -16.90 -7.99
C HIS A 24 -13.33 -17.88 -7.91
N ALA A 25 -12.77 -18.00 -6.72
CA ALA A 25 -11.68 -18.93 -6.47
C ALA A 25 -12.33 -20.28 -6.26
N ARG A 26 -11.55 -21.34 -6.29
CA ARG A 26 -12.08 -22.68 -6.12
C ARG A 26 -11.78 -23.29 -4.76
N TRP A 27 -10.85 -22.67 -4.04
CA TRP A 27 -10.51 -23.17 -2.72
C TRP A 27 -11.73 -23.00 -1.80
N ASN A 28 -12.08 -24.07 -1.11
CA ASN A 28 -13.19 -24.05 -0.18
C ASN A 28 -14.52 -23.86 -0.89
N LEU A 29 -14.84 -24.76 -1.82
CA LEU A 29 -16.08 -24.69 -2.57
C LEU A 29 -17.34 -24.87 -1.74
N GLN A 30 -17.22 -25.49 -0.56
CA GLN A 30 -18.39 -25.69 0.28
C GLN A 30 -19.04 -24.34 0.58
N ALA A 31 -18.22 -23.29 0.66
CA ALA A 31 -18.70 -21.95 0.93
C ALA A 31 -18.88 -21.11 -0.33
N ILE A 32 -18.00 -21.31 -1.31
CA ILE A 32 -18.06 -20.59 -2.58
C ILE A 32 -19.38 -20.79 -3.30
N GLU A 33 -19.76 -22.05 -3.53
CA GLU A 33 -20.99 -22.32 -4.24
C GLU A 33 -22.18 -21.53 -3.72
N PRO A 34 -22.53 -21.69 -2.43
CA PRO A 34 -23.68 -20.93 -1.93
C PRO A 34 -23.59 -19.46 -2.29
N LEU A 35 -22.39 -18.89 -2.17
CA LEU A 35 -22.19 -17.48 -2.47
C LEU A 35 -22.42 -17.13 -3.93
N VAL A 36 -21.82 -17.89 -4.84
CA VAL A 36 -21.99 -17.61 -6.27
C VAL A 36 -23.45 -17.78 -6.65
N LYS A 37 -24.09 -18.81 -6.12
CA LYS A 37 -25.49 -19.11 -6.38
C LYS A 37 -26.37 -17.96 -5.89
N GLY A 38 -26.15 -17.51 -4.66
CA GLY A 38 -26.93 -16.42 -4.11
C GLY A 38 -26.75 -15.15 -4.93
N ALA A 39 -25.53 -14.88 -5.38
CA ALA A 39 -25.29 -13.70 -6.20
C ALA A 39 -26.07 -13.79 -7.51
N VAL A 40 -26.00 -14.95 -8.17
CA VAL A 40 -26.72 -15.10 -9.42
C VAL A 40 -28.23 -15.04 -9.28
N GLU A 41 -28.79 -15.88 -8.40
CA GLU A 41 -30.25 -15.89 -8.21
C GLU A 41 -30.80 -14.50 -7.90
N THR A 42 -30.14 -13.82 -6.99
CA THR A 42 -30.59 -12.49 -6.58
C THR A 42 -30.67 -11.54 -7.76
N MET A 43 -29.70 -11.61 -8.67
CA MET A 43 -29.72 -10.71 -9.82
C MET A 43 -30.86 -11.05 -10.78
N ILE A 44 -31.04 -12.34 -11.04
CA ILE A 44 -32.07 -12.79 -11.97
C ILE A 44 -33.48 -12.60 -11.45
N GLU A 45 -33.77 -13.19 -10.30
CA GLU A 45 -35.09 -13.12 -9.69
C GLU A 45 -35.50 -11.77 -9.15
N LYS A 46 -34.53 -10.94 -8.82
CA LYS A 46 -34.86 -9.66 -8.21
C LYS A 46 -34.46 -8.42 -9.01
N HIS A 47 -33.56 -8.58 -9.98
CA HIS A 47 -33.11 -7.44 -10.77
C HIS A 47 -33.27 -7.63 -12.26
N ASP A 48 -33.99 -8.67 -12.65
CA ASP A 48 -34.25 -8.96 -14.07
C ASP A 48 -32.99 -9.07 -14.91
N VAL A 49 -31.90 -9.56 -14.34
CA VAL A 49 -30.67 -9.70 -15.11
C VAL A 49 -30.81 -11.00 -15.87
N LYS A 50 -30.40 -11.01 -17.14
CA LYS A 50 -30.53 -12.20 -17.98
C LYS A 50 -29.40 -13.18 -17.74
N LEU A 51 -29.77 -14.45 -17.57
CA LEU A 51 -28.80 -15.51 -17.35
C LEU A 51 -27.70 -15.52 -18.43
N GLU A 52 -28.05 -15.33 -19.70
CA GLU A 52 -27.05 -15.35 -20.76
C GLU A 52 -26.05 -14.24 -20.55
N ASN A 53 -26.45 -13.18 -19.87
CA ASN A 53 -25.55 -12.05 -19.68
C ASN A 53 -24.65 -12.10 -18.46
N ILE A 54 -24.61 -13.25 -17.82
CA ILE A 54 -23.78 -13.42 -16.63
C ILE A 54 -22.66 -14.42 -16.89
N ASP A 55 -21.43 -13.93 -16.92
CA ASP A 55 -20.26 -14.77 -17.14
C ASP A 55 -19.70 -15.23 -15.82
N ILE A 56 -19.50 -16.53 -15.65
CA ILE A 56 -18.95 -17.06 -14.42
C ILE A 56 -17.65 -17.77 -14.73
N GLU A 57 -16.56 -17.21 -14.21
CA GLU A 57 -15.23 -17.76 -14.41
C GLU A 57 -14.59 -18.07 -13.10
N SER A 58 -13.58 -18.93 -13.11
CA SER A 58 -12.92 -19.27 -11.87
C SER A 58 -11.40 -19.26 -12.01
N VAL A 59 -10.75 -19.30 -10.85
CA VAL A 59 -9.31 -19.29 -10.76
C VAL A 59 -8.94 -20.18 -9.59
N PRO A 60 -7.69 -20.67 -9.56
CA PRO A 60 -7.25 -21.55 -8.48
C PRO A 60 -7.58 -21.04 -7.10
N GLY A 61 -7.02 -19.87 -6.75
CA GLY A 61 -7.27 -19.30 -5.45
C GLY A 61 -7.49 -17.80 -5.45
N SER A 62 -7.62 -17.22 -4.26
CA SER A 62 -7.87 -15.79 -4.09
C SER A 62 -6.76 -14.88 -4.62
N TRP A 63 -5.53 -15.38 -4.64
CA TRP A 63 -4.43 -14.57 -5.12
C TRP A 63 -4.59 -14.27 -6.60
N GLU A 64 -5.10 -15.23 -7.36
CA GLU A 64 -5.28 -15.05 -8.79
C GLU A 64 -6.53 -14.22 -9.14
N LEU A 65 -7.30 -13.87 -8.12
CA LEU A 65 -8.53 -13.11 -8.27
C LEU A 65 -8.33 -11.76 -8.98
N PRO A 66 -7.37 -10.93 -8.53
CA PRO A 66 -7.19 -9.65 -9.23
C PRO A 66 -6.80 -9.82 -10.69
N GLN A 67 -5.89 -10.74 -10.97
CA GLN A 67 -5.46 -10.99 -12.34
C GLN A 67 -6.52 -11.68 -13.18
N GLY A 68 -7.35 -12.50 -12.56
CA GLY A 68 -8.40 -13.15 -13.31
C GLY A 68 -9.36 -12.07 -13.80
N ILE A 69 -9.64 -11.09 -12.95
CA ILE A 69 -10.56 -10.00 -13.29
C ILE A 69 -9.96 -9.05 -14.31
N ARG A 70 -8.69 -8.69 -14.13
CA ARG A 70 -8.04 -7.77 -15.06
C ARG A 70 -7.97 -8.35 -16.47
N ALA A 71 -7.63 -9.63 -16.56
CA ALA A 71 -7.52 -10.34 -17.83
C ALA A 71 -8.89 -10.39 -18.50
N SER A 72 -9.92 -10.68 -17.71
CA SER A 72 -11.28 -10.77 -18.25
C SER A 72 -11.86 -9.45 -18.72
N ILE A 73 -11.79 -8.39 -17.91
CA ILE A 73 -12.38 -7.14 -18.33
C ILE A 73 -11.61 -6.45 -19.42
N ALA A 74 -10.59 -7.12 -19.94
CA ALA A 74 -9.77 -6.58 -21.02
C ALA A 74 -10.19 -7.22 -22.35
N ARG A 75 -10.68 -8.46 -22.28
CA ARG A 75 -11.14 -9.18 -23.48
C ARG A 75 -12.59 -8.84 -23.79
N ASN A 76 -13.45 -8.85 -22.78
CA ASN A 76 -14.86 -8.52 -23.00
C ASN A 76 -15.25 -7.25 -22.26
N THR A 77 -16.50 -6.83 -22.41
CA THR A 77 -16.97 -5.62 -21.75
C THR A 77 -18.07 -5.97 -20.78
N TYR A 78 -17.87 -5.60 -19.52
CA TYR A 78 -18.84 -5.87 -18.48
C TYR A 78 -19.23 -4.56 -17.79
N ASP A 79 -20.39 -4.54 -17.15
CA ASP A 79 -20.83 -3.35 -16.46
C ASP A 79 -20.42 -3.38 -15.01
N ALA A 80 -20.19 -4.58 -14.49
CA ALA A 80 -19.81 -4.76 -13.10
C ALA A 80 -19.20 -6.13 -12.94
N VAL A 81 -18.35 -6.26 -11.94
CA VAL A 81 -17.68 -7.51 -11.68
C VAL A 81 -17.80 -7.84 -10.20
N ILE A 82 -17.79 -9.13 -9.88
CA ILE A 82 -17.83 -9.55 -8.49
C ILE A 82 -16.68 -10.52 -8.23
N GLY A 83 -15.85 -10.21 -7.25
CA GLY A 83 -14.74 -11.08 -6.92
C GLY A 83 -15.11 -11.92 -5.72
N ILE A 84 -15.18 -13.24 -5.87
CA ILE A 84 -15.55 -14.08 -4.75
C ILE A 84 -14.47 -15.06 -4.34
N GLY A 85 -14.11 -15.02 -3.07
CA GLY A 85 -13.10 -15.92 -2.55
C GLY A 85 -13.30 -16.09 -1.05
N VAL A 86 -12.64 -17.08 -0.48
CA VAL A 86 -12.74 -17.34 0.95
C VAL A 86 -11.34 -17.62 1.51
N LEU A 87 -10.92 -16.76 2.45
CA LEU A 87 -9.63 -16.90 3.08
C LEU A 87 -9.84 -17.21 4.55
N ILE A 88 -9.17 -18.25 5.04
CA ILE A 88 -9.27 -18.64 6.45
C ILE A 88 -7.90 -18.62 7.13
N LYS A 89 -7.84 -18.03 8.32
CA LYS A 89 -6.59 -17.92 9.07
C LYS A 89 -6.00 -19.30 9.35
N GLY A 90 -4.73 -19.46 8.97
CA GLY A 90 -4.04 -20.72 9.18
C GLY A 90 -3.11 -20.65 10.37
N SER A 91 -1.99 -21.38 10.31
CA SER A 91 -1.04 -21.39 11.42
C SER A 91 0.08 -20.42 11.19
N THR A 92 0.27 -19.99 9.94
CA THR A 92 1.33 -19.05 9.57
C THR A 92 0.75 -17.66 9.30
N MET A 93 1.60 -16.76 8.85
CA MET A 93 1.18 -15.39 8.56
C MET A 93 0.61 -15.28 7.15
N HIS A 94 0.46 -16.44 6.52
CA HIS A 94 -0.06 -16.52 5.16
C HIS A 94 -1.34 -15.72 4.99
N PHE A 95 -2.35 -16.12 5.74
CA PHE A 95 -3.66 -15.48 5.72
C PHE A 95 -3.54 -13.96 5.72
N GLU A 96 -2.78 -13.45 6.67
CA GLU A 96 -2.61 -12.02 6.77
C GLU A 96 -2.05 -11.37 5.53
N TYR A 97 -0.93 -11.86 5.02
CA TYR A 97 -0.33 -11.24 3.84
C TYR A 97 -1.08 -11.37 2.52
N ILE A 98 -1.75 -12.50 2.31
CA ILE A 98 -2.50 -12.67 1.09
C ILE A 98 -3.74 -11.80 1.12
N SER A 99 -4.40 -11.76 2.27
CA SER A 99 -5.61 -10.97 2.41
C SER A 99 -5.31 -9.52 2.03
N GLU A 100 -4.25 -8.99 2.61
CA GLU A 100 -3.85 -7.62 2.35
C GLU A 100 -3.62 -7.38 0.87
N ALA A 101 -2.84 -8.24 0.24
CA ALA A 101 -2.55 -8.10 -1.19
C ALA A 101 -3.77 -8.18 -2.11
N VAL A 102 -4.65 -9.17 -1.87
CA VAL A 102 -5.82 -9.33 -2.71
C VAL A 102 -6.77 -8.17 -2.56
N VAL A 103 -6.94 -7.69 -1.35
CA VAL A 103 -7.82 -6.56 -1.11
C VAL A 103 -7.34 -5.30 -1.82
N HIS A 104 -6.08 -4.95 -1.62
CA HIS A 104 -5.53 -3.78 -2.27
C HIS A 104 -5.58 -3.97 -3.78
N GLY A 105 -5.34 -5.21 -4.22
CA GLY A 105 -5.35 -5.52 -5.63
C GLY A 105 -6.71 -5.41 -6.31
N LEU A 106 -7.76 -5.92 -5.67
CA LEU A 106 -9.11 -5.83 -6.23
C LEU A 106 -9.48 -4.36 -6.39
N MET A 107 -9.19 -3.57 -5.35
CA MET A 107 -9.46 -2.14 -5.35
C MET A 107 -8.73 -1.45 -6.50
N ARG A 108 -7.53 -1.93 -6.82
CA ARG A 108 -6.77 -1.33 -7.91
C ARG A 108 -7.34 -1.64 -9.29
N VAL A 109 -7.63 -2.91 -9.53
CA VAL A 109 -8.19 -3.34 -10.80
C VAL A 109 -9.45 -2.55 -11.11
N GLY A 110 -10.21 -2.25 -10.08
CA GLY A 110 -11.44 -1.50 -10.26
C GLY A 110 -11.24 -0.03 -10.58
N LEU A 111 -10.28 0.62 -9.90
CA LEU A 111 -10.00 2.05 -10.11
C LEU A 111 -9.25 2.30 -11.41
N ASP A 112 -8.44 1.33 -11.83
CA ASP A 112 -7.67 1.46 -13.05
C ASP A 112 -8.54 1.34 -14.29
N SER A 113 -9.40 0.33 -14.30
CA SER A 113 -10.26 0.06 -15.44
C SER A 113 -11.50 0.93 -15.52
N GLY A 114 -12.01 1.34 -14.36
CA GLY A 114 -13.21 2.14 -14.37
C GLY A 114 -14.45 1.26 -14.26
N VAL A 115 -14.24 -0.05 -14.08
CA VAL A 115 -15.37 -0.96 -13.93
C VAL A 115 -15.58 -1.22 -12.44
N PRO A 116 -16.84 -1.23 -12.00
CA PRO A 116 -17.12 -1.48 -10.60
C PRO A 116 -16.70 -2.91 -10.27
N VAL A 117 -16.09 -3.10 -9.11
CA VAL A 117 -15.65 -4.43 -8.67
C VAL A 117 -16.23 -4.66 -7.28
N ILE A 118 -17.19 -5.56 -7.18
CA ILE A 118 -17.77 -5.83 -5.89
C ILE A 118 -16.88 -6.76 -5.08
N PHE A 119 -16.71 -6.43 -3.81
CA PHE A 119 -15.86 -7.18 -2.90
C PHE A 119 -16.63 -8.36 -2.30
N GLY A 120 -16.42 -9.54 -2.88
CA GLY A 120 -17.08 -10.73 -2.40
C GLY A 120 -16.06 -11.69 -1.85
N LEU A 121 -15.13 -11.14 -1.08
CA LEU A 121 -14.05 -11.89 -0.47
C LEU A 121 -14.24 -12.00 1.04
N LEU A 122 -14.43 -13.22 1.54
CA LEU A 122 -14.61 -13.44 2.97
C LEU A 122 -13.26 -13.69 3.62
N THR A 123 -12.96 -12.99 4.72
CA THR A 123 -11.70 -13.19 5.43
C THR A 123 -12.05 -13.55 6.87
N VAL A 124 -12.20 -14.85 7.11
CA VAL A 124 -12.63 -15.39 8.40
C VAL A 124 -11.57 -16.14 9.21
N LEU A 125 -11.91 -16.46 10.46
CA LEU A 125 -11.00 -17.17 11.36
C LEU A 125 -11.20 -18.66 11.26
N ASN A 126 -12.33 -19.08 10.73
CA ASN A 126 -12.60 -20.51 10.57
C ASN A 126 -13.73 -20.78 9.59
N GLU A 127 -13.86 -22.05 9.21
CA GLU A 127 -14.87 -22.51 8.27
C GLU A 127 -16.30 -22.15 8.66
N GLU A 128 -16.63 -22.33 9.94
CA GLU A 128 -17.96 -22.01 10.47
C GLU A 128 -18.39 -20.60 10.09
N GLN A 129 -17.49 -19.63 10.31
CA GLN A 129 -17.78 -18.24 10.01
C GLN A 129 -18.04 -18.03 8.53
N ALA A 130 -17.32 -18.78 7.71
CA ALA A 130 -17.45 -18.66 6.28
C ALA A 130 -18.83 -19.11 5.83
N LEU A 131 -19.22 -20.32 6.26
CA LEU A 131 -20.51 -20.90 5.91
C LEU A 131 -21.68 -20.04 6.39
N TYR A 132 -21.57 -19.54 7.61
CA TYR A 132 -22.61 -18.72 8.18
C TYR A 132 -22.92 -17.53 7.30
N ARG A 133 -21.89 -16.95 6.70
CA ARG A 133 -22.05 -15.80 5.83
C ARG A 133 -22.39 -16.23 4.41
N ALA A 134 -22.51 -17.54 4.22
CA ALA A 134 -22.86 -18.08 2.92
C ALA A 134 -24.33 -18.47 3.02
N GLY A 135 -24.94 -18.14 4.15
CA GLY A 135 -26.36 -18.45 4.35
C GLY A 135 -26.69 -19.77 5.02
N LEU A 136 -25.69 -20.57 5.37
CA LEU A 136 -25.91 -21.85 6.02
C LEU A 136 -26.07 -21.68 7.54
N ASN A 137 -26.52 -22.73 8.20
CA ASN A 137 -26.70 -22.74 9.66
C ASN A 137 -27.30 -21.46 10.25
N GLY A 138 -28.36 -20.97 9.62
CA GLY A 138 -29.06 -19.79 10.11
C GLY A 138 -28.51 -18.42 9.76
N GLY A 139 -27.46 -18.39 8.95
CA GLY A 139 -26.86 -17.12 8.57
C GLY A 139 -27.44 -16.53 7.29
N HIS A 140 -27.15 -15.26 7.07
CA HIS A 140 -27.60 -14.54 5.88
C HIS A 140 -26.60 -14.82 4.74
N ASN A 141 -27.11 -15.03 3.53
CA ASN A 141 -26.21 -15.29 2.41
C ASN A 141 -25.71 -13.95 1.86
N HIS A 142 -24.43 -13.67 2.06
CA HIS A 142 -23.83 -12.42 1.59
C HIS A 142 -23.75 -12.28 0.07
N GLY A 143 -23.84 -13.39 -0.64
CA GLY A 143 -23.78 -13.33 -2.09
C GLY A 143 -24.96 -12.56 -2.66
N ASN A 144 -26.08 -12.60 -1.95
CA ASN A 144 -27.28 -11.89 -2.39
C ASN A 144 -26.93 -10.42 -2.39
N ASP A 145 -26.31 -9.97 -1.30
CA ASP A 145 -25.93 -8.57 -1.17
C ASP A 145 -25.02 -8.11 -2.30
N TRP A 146 -24.07 -8.95 -2.67
CA TRP A 146 -23.13 -8.60 -3.72
C TRP A 146 -23.83 -8.48 -5.06
N GLY A 147 -24.87 -9.28 -5.24
CA GLY A 147 -25.60 -9.24 -6.49
C GLY A 147 -26.27 -7.89 -6.70
N SER A 148 -27.00 -7.44 -5.69
CA SER A 148 -27.68 -6.16 -5.78
C SER A 148 -26.67 -5.05 -5.95
N ALA A 149 -25.54 -5.14 -5.23
CA ALA A 149 -24.51 -4.12 -5.32
C ALA A 149 -24.01 -4.03 -6.75
N ALA A 150 -23.83 -5.18 -7.37
CA ALA A 150 -23.35 -5.26 -8.75
C ALA A 150 -24.33 -4.59 -9.72
N VAL A 151 -25.61 -4.86 -9.53
CA VAL A 151 -26.61 -4.29 -10.40
C VAL A 151 -26.59 -2.78 -10.27
N GLU A 152 -26.71 -2.30 -9.05
CA GLU A 152 -26.73 -0.87 -8.78
C GLU A 152 -25.50 -0.15 -9.31
N MET A 153 -24.32 -0.69 -9.06
CA MET A 153 -23.10 -0.05 -9.53
C MET A 153 -23.05 -0.06 -11.04
N GLY A 154 -23.57 -1.13 -11.63
CA GLY A 154 -23.57 -1.25 -13.07
C GLY A 154 -24.40 -0.15 -13.72
N LEU A 155 -25.60 0.05 -13.19
CA LEU A 155 -26.48 1.07 -13.71
C LEU A 155 -25.90 2.46 -13.49
N LYS A 156 -25.44 2.75 -12.28
CA LYS A 156 -24.88 4.08 -12.00
C LYS A 156 -23.68 4.41 -12.88
N ALA A 157 -23.00 3.38 -13.36
CA ALA A 157 -21.85 3.58 -14.25
C ALA A 157 -22.38 3.86 -15.67
N LEU A 158 -23.71 3.94 -15.78
CA LEU A 158 -24.43 4.22 -17.03
C LEU A 158 -24.36 3.09 -18.08
N ASP B 12 -14.48 31.23 8.93
CA ASP B 12 -15.16 32.42 8.29
C ASP B 12 -14.87 32.54 6.78
N LEU B 13 -15.01 31.41 6.08
CA LEU B 13 -14.77 31.34 4.64
C LEU B 13 -16.09 31.12 3.89
N LYS B 14 -16.34 31.94 2.87
CA LYS B 14 -17.58 31.84 2.10
C LYS B 14 -17.23 31.29 0.72
N GLY B 15 -18.05 30.37 0.23
CA GLY B 15 -17.79 29.79 -1.07
C GLY B 15 -19.07 29.59 -1.84
N PRO B 16 -19.72 30.69 -2.26
CA PRO B 16 -20.97 30.65 -3.02
C PRO B 16 -20.85 30.07 -4.42
N GLU B 17 -19.66 30.10 -4.98
CA GLU B 17 -19.45 29.57 -6.33
C GLU B 17 -18.91 28.14 -6.36
N LEU B 18 -18.85 27.50 -5.19
CA LEU B 18 -18.34 26.13 -5.10
C LEU B 18 -19.41 25.10 -5.39
N ARG B 19 -19.00 24.02 -6.04
CA ARG B 19 -19.87 22.91 -6.37
C ARG B 19 -19.29 21.74 -5.59
N ILE B 20 -20.02 21.28 -4.58
CA ILE B 20 -19.54 20.18 -3.75
C ILE B 20 -20.25 18.87 -4.09
N LEU B 21 -19.56 17.75 -3.93
CA LEU B 21 -20.14 16.45 -4.18
C LEU B 21 -20.08 15.64 -2.90
N ILE B 22 -21.18 14.98 -2.56
CA ILE B 22 -21.22 14.15 -1.37
C ILE B 22 -21.63 12.74 -1.76
N VAL B 23 -20.76 11.76 -1.56
CA VAL B 23 -21.08 10.38 -1.87
C VAL B 23 -21.04 9.66 -0.53
N HIS B 24 -22.13 9.01 -0.17
CA HIS B 24 -22.17 8.29 1.09
C HIS B 24 -22.68 6.89 0.87
N ALA B 25 -22.32 5.99 1.78
CA ALA B 25 -22.79 4.61 1.71
C ALA B 25 -24.15 4.58 2.36
N ARG B 26 -24.87 3.49 2.17
CA ARG B 26 -26.21 3.35 2.73
C ARG B 26 -26.30 2.44 3.93
N TRP B 27 -25.24 1.70 4.19
CA TRP B 27 -25.25 0.81 5.34
C TRP B 27 -25.17 1.66 6.59
N ASN B 28 -26.03 1.34 7.56
CA ASN B 28 -26.08 2.03 8.83
C ASN B 28 -26.56 3.47 8.67
N LEU B 29 -27.74 3.65 8.10
CA LEU B 29 -28.31 4.97 7.87
C LEU B 29 -28.63 5.75 9.14
N GLN B 30 -28.76 5.04 10.25
CA GLN B 30 -29.07 5.73 11.49
C GLN B 30 -27.97 6.73 11.78
N ALA B 31 -26.73 6.38 11.42
CA ALA B 31 -25.59 7.25 11.66
C ALA B 31 -25.26 8.15 10.47
N ILE B 32 -25.43 7.62 9.26
CA ILE B 32 -25.18 8.35 8.02
C ILE B 32 -25.98 9.65 7.89
N GLU B 33 -27.31 9.57 8.00
CA GLU B 33 -28.14 10.76 7.87
C GLU B 33 -27.66 11.95 8.69
N PRO B 34 -27.52 11.79 10.01
CA PRO B 34 -27.06 12.93 10.80
C PRO B 34 -25.79 13.52 10.21
N LEU B 35 -24.90 12.65 9.72
CA LEU B 35 -23.64 13.12 9.16
C LEU B 35 -23.79 13.87 7.84
N VAL B 36 -24.54 13.31 6.90
CA VAL B 36 -24.75 13.98 5.62
C VAL B 36 -25.47 15.29 5.83
N LYS B 37 -26.43 15.29 6.74
CA LYS B 37 -27.22 16.46 7.06
C LYS B 37 -26.39 17.55 7.70
N GLY B 38 -25.49 17.17 8.60
CA GLY B 38 -24.66 18.16 9.26
C GLY B 38 -23.67 18.80 8.30
N ALA B 39 -23.15 17.99 7.40
CA ALA B 39 -22.20 18.48 6.42
C ALA B 39 -22.90 19.51 5.51
N VAL B 40 -24.11 19.18 5.08
CA VAL B 40 -24.86 20.06 4.20
C VAL B 40 -25.24 21.35 4.92
N GLU B 41 -25.93 21.23 6.04
CA GLU B 41 -26.34 22.41 6.77
C GLU B 41 -25.18 23.35 7.02
N THR B 42 -24.09 22.83 7.57
CA THR B 42 -22.94 23.66 7.86
C THR B 42 -22.44 24.45 6.63
N MET B 43 -22.36 23.78 5.49
CA MET B 43 -21.90 24.45 4.28
C MET B 43 -22.82 25.58 3.86
N ILE B 44 -24.12 25.33 3.90
CA ILE B 44 -25.11 26.33 3.52
C ILE B 44 -25.22 27.47 4.51
N GLU B 45 -25.56 27.14 5.75
CA GLU B 45 -25.74 28.14 6.77
C GLU B 45 -24.50 28.89 7.20
N LYS B 46 -23.35 28.26 7.08
CA LYS B 46 -22.14 28.91 7.58
C LYS B 46 -21.10 29.31 6.53
N HIS B 47 -21.21 28.75 5.32
CA HIS B 47 -20.24 29.05 4.29
C HIS B 47 -20.88 29.55 2.99
N ASP B 48 -22.14 29.93 3.07
CA ASP B 48 -22.84 30.46 1.92
C ASP B 48 -22.73 29.56 0.69
N VAL B 49 -22.84 28.25 0.87
CA VAL B 49 -22.78 27.37 -0.28
C VAL B 49 -24.21 27.19 -0.77
N LYS B 50 -24.42 27.33 -2.07
CA LYS B 50 -25.77 27.19 -2.63
C LYS B 50 -26.31 25.77 -2.72
N LEU B 51 -27.51 25.58 -2.20
CA LEU B 51 -28.15 24.27 -2.21
C LEU B 51 -28.11 23.59 -3.58
N GLU B 52 -28.36 24.33 -4.65
CA GLU B 52 -28.35 23.69 -5.96
C GLU B 52 -26.93 23.32 -6.44
N ASN B 53 -25.92 23.70 -5.67
CA ASN B 53 -24.55 23.35 -6.05
C ASN B 53 -24.01 22.21 -5.23
N ILE B 54 -24.90 21.46 -4.60
CA ILE B 54 -24.50 20.33 -3.77
C ILE B 54 -25.13 19.07 -4.31
N ASP B 55 -24.29 18.17 -4.82
CA ASP B 55 -24.76 16.89 -5.34
C ASP B 55 -24.59 15.81 -4.29
N ILE B 56 -25.67 15.10 -3.99
CA ILE B 56 -25.60 14.04 -2.99
C ILE B 56 -25.90 12.71 -3.65
N GLU B 57 -24.90 11.86 -3.73
CA GLU B 57 -25.09 10.54 -4.33
C GLU B 57 -24.77 9.45 -3.33
N SER B 58 -25.34 8.26 -3.55
CA SER B 58 -25.09 7.16 -2.63
C SER B 58 -24.63 5.92 -3.34
N VAL B 59 -24.05 5.01 -2.56
CA VAL B 59 -23.59 3.73 -3.06
C VAL B 59 -23.98 2.71 -2.00
N PRO B 60 -24.03 1.43 -2.36
CA PRO B 60 -24.40 0.39 -1.40
C PRO B 60 -23.59 0.44 -0.12
N GLY B 61 -22.28 0.24 -0.23
CA GLY B 61 -21.45 0.25 0.96
C GLY B 61 -20.19 1.09 0.81
N SER B 62 -19.33 1.05 1.83
CA SER B 62 -18.07 1.79 1.87
C SER B 62 -17.09 1.36 0.79
N TRP B 63 -17.13 0.09 0.43
CA TRP B 63 -16.22 -0.40 -0.58
C TRP B 63 -16.41 0.34 -1.89
N GLU B 64 -17.65 0.67 -2.23
CA GLU B 64 -17.96 1.36 -3.47
C GLU B 64 -17.70 2.85 -3.37
N LEU B 65 -17.28 3.30 -2.20
CA LEU B 65 -17.03 4.71 -2.00
C LEU B 65 -16.00 5.29 -2.98
N PRO B 66 -14.78 4.70 -3.03
CA PRO B 66 -13.76 5.19 -3.95
C PRO B 66 -14.20 5.19 -5.41
N GLN B 67 -14.86 4.11 -5.83
CA GLN B 67 -15.30 4.04 -7.22
C GLN B 67 -16.45 4.98 -7.52
N GLY B 68 -17.30 5.23 -6.54
CA GLY B 68 -18.41 6.14 -6.76
C GLY B 68 -17.87 7.53 -6.99
N ILE B 69 -16.90 7.94 -6.20
CA ILE B 69 -16.31 9.24 -6.34
C ILE B 69 -15.57 9.38 -7.67
N ARG B 70 -14.73 8.40 -8.01
CA ARG B 70 -13.96 8.46 -9.26
C ARG B 70 -14.92 8.65 -10.45
N ALA B 71 -15.93 7.80 -10.52
CA ALA B 71 -16.91 7.86 -11.59
C ALA B 71 -17.57 9.22 -11.65
N SER B 72 -17.98 9.72 -10.50
CA SER B 72 -18.64 11.01 -10.47
C SER B 72 -17.76 12.21 -10.84
N ILE B 73 -16.55 12.30 -10.32
CA ILE B 73 -15.72 13.46 -10.66
C ILE B 73 -15.11 13.33 -12.06
N ALA B 74 -15.68 12.44 -12.85
CA ALA B 74 -15.24 12.23 -14.22
C ALA B 74 -16.32 12.79 -15.13
N ARG B 75 -17.57 12.68 -14.70
CA ARG B 75 -18.72 13.17 -15.46
C ARG B 75 -18.96 14.66 -15.25
N ASN B 76 -18.91 15.10 -14.00
CA ASN B 76 -19.12 16.51 -13.71
C ASN B 76 -17.86 17.10 -13.10
N THR B 77 -17.90 18.38 -12.78
CA THR B 77 -16.77 19.08 -12.17
C THR B 77 -17.16 19.63 -10.80
N TYR B 78 -16.41 19.19 -9.78
CA TYR B 78 -16.63 19.60 -8.40
C TYR B 78 -15.36 20.24 -7.85
N ASP B 79 -15.52 21.04 -6.81
CA ASP B 79 -14.39 21.72 -6.19
C ASP B 79 -13.86 20.92 -5.03
N ALA B 80 -14.72 20.08 -4.46
CA ALA B 80 -14.35 19.22 -3.35
C ALA B 80 -15.37 18.10 -3.29
N VAL B 81 -14.95 16.99 -2.70
CA VAL B 81 -15.83 15.84 -2.56
C VAL B 81 -15.73 15.38 -1.14
N ILE B 82 -16.82 14.80 -0.63
CA ILE B 82 -16.82 14.27 0.72
C ILE B 82 -17.28 12.84 0.64
N GLY B 83 -16.46 11.91 1.16
CA GLY B 83 -16.83 10.51 1.16
C GLY B 83 -17.30 10.16 2.57
N ILE B 84 -18.57 9.75 2.70
CA ILE B 84 -19.10 9.41 4.00
C ILE B 84 -19.56 7.96 4.11
N GLY B 85 -19.11 7.28 5.15
CA GLY B 85 -19.49 5.90 5.36
C GLY B 85 -19.22 5.54 6.80
N VAL B 86 -19.75 4.41 7.25
CA VAL B 86 -19.55 3.96 8.62
C VAL B 86 -19.20 2.48 8.62
N LEU B 87 -18.04 2.16 9.21
CA LEU B 87 -17.58 0.77 9.32
C LEU B 87 -17.47 0.37 10.78
N ILE B 88 -18.07 -0.77 11.13
CA ILE B 88 -18.01 -1.25 12.51
C ILE B 88 -17.35 -2.61 12.58
N LYS B 89 -16.48 -2.79 13.55
CA LYS B 89 -15.80 -4.06 13.70
C LYS B 89 -16.79 -5.20 13.92
N GLY B 90 -16.60 -6.30 13.19
CA GLY B 90 -17.48 -7.45 13.30
C GLY B 90 -16.80 -8.64 13.97
N SER B 91 -17.20 -9.85 13.60
CA SER B 91 -16.60 -11.05 14.20
C SER B 91 -15.36 -11.52 13.46
N THR B 92 -15.31 -11.24 12.15
CA THR B 92 -14.19 -11.64 11.29
C THR B 92 -13.19 -10.50 11.05
N MET B 93 -12.23 -10.72 10.15
CA MET B 93 -11.22 -9.71 9.85
C MET B 93 -11.67 -8.73 8.76
N HIS B 94 -12.92 -8.87 8.34
CA HIS B 94 -13.54 -8.05 7.33
C HIS B 94 -13.36 -6.55 7.57
N PHE B 95 -13.71 -6.12 8.78
CA PHE B 95 -13.59 -4.71 9.13
C PHE B 95 -12.20 -4.24 8.80
N GLU B 96 -11.20 -4.91 9.37
CA GLU B 96 -9.82 -4.55 9.15
C GLU B 96 -9.41 -4.37 7.69
N TYR B 97 -9.64 -5.37 6.85
CA TYR B 97 -9.26 -5.27 5.46
C TYR B 97 -10.02 -4.26 4.61
N ILE B 98 -11.32 -4.13 4.81
CA ILE B 98 -12.06 -3.18 4.02
C ILE B 98 -11.66 -1.76 4.40
N SER B 99 -11.51 -1.52 5.70
CA SER B 99 -11.12 -0.21 6.15
C SER B 99 -9.84 0.22 5.48
N GLU B 100 -8.86 -0.66 5.52
CA GLU B 100 -7.56 -0.40 4.92
C GLU B 100 -7.70 -0.09 3.42
N ALA B 101 -8.39 -0.94 2.67
CA ALA B 101 -8.57 -0.70 1.25
C ALA B 101 -9.31 0.60 0.93
N VAL B 102 -10.41 0.87 1.62
CA VAL B 102 -11.17 2.08 1.34
C VAL B 102 -10.36 3.33 1.65
N VAL B 103 -9.66 3.32 2.77
CA VAL B 103 -8.85 4.48 3.12
C VAL B 103 -7.78 4.77 2.07
N HIS B 104 -7.02 3.77 1.69
CA HIS B 104 -5.99 4.00 0.70
C HIS B 104 -6.63 4.41 -0.62
N GLY B 105 -7.79 3.82 -0.91
CA GLY B 105 -8.50 4.13 -2.14
C GLY B 105 -8.94 5.59 -2.25
N LEU B 106 -9.61 6.10 -1.21
CA LEU B 106 -10.07 7.48 -1.16
C LEU B 106 -8.88 8.42 -1.37
N MET B 107 -7.81 8.21 -0.60
CA MET B 107 -6.62 9.02 -0.73
C MET B 107 -6.09 9.00 -2.16
N ARG B 108 -6.22 7.87 -2.84
CA ARG B 108 -5.74 7.78 -4.21
C ARG B 108 -6.59 8.56 -5.18
N VAL B 109 -7.90 8.35 -5.12
CA VAL B 109 -8.80 9.05 -6.01
C VAL B 109 -8.54 10.55 -5.91
N GLY B 110 -8.22 11.02 -4.72
CA GLY B 110 -7.96 12.42 -4.52
C GLY B 110 -6.67 12.92 -5.12
N LEU B 111 -5.60 12.16 -4.95
CA LEU B 111 -4.30 12.56 -5.49
C LEU B 111 -4.25 12.40 -7.01
N ASP B 112 -4.98 11.41 -7.53
CA ASP B 112 -4.97 11.16 -8.96
C ASP B 112 -5.65 12.26 -9.73
N SER B 113 -6.86 12.60 -9.28
CA SER B 113 -7.68 13.60 -9.93
C SER B 113 -7.30 15.05 -9.65
N GLY B 114 -6.79 15.33 -8.46
CA GLY B 114 -6.44 16.70 -8.11
C GLY B 114 -7.61 17.38 -7.41
N VAL B 115 -8.67 16.61 -7.18
CA VAL B 115 -9.86 17.13 -6.49
C VAL B 115 -9.76 16.76 -5.03
N PRO B 116 -9.94 17.73 -4.13
CA PRO B 116 -9.85 17.43 -2.71
C PRO B 116 -10.91 16.41 -2.28
N VAL B 117 -10.51 15.42 -1.50
CA VAL B 117 -11.44 14.41 -1.02
C VAL B 117 -11.45 14.42 0.50
N ILE B 118 -12.56 14.87 1.09
CA ILE B 118 -12.66 14.91 2.54
C ILE B 118 -13.02 13.53 3.08
N PHE B 119 -12.26 13.10 4.08
CA PHE B 119 -12.43 11.79 4.73
C PHE B 119 -13.57 11.78 5.76
N GLY B 120 -14.76 11.39 5.32
CA GLY B 120 -15.90 11.34 6.22
C GLY B 120 -16.29 9.91 6.53
N LEU B 121 -15.26 9.07 6.70
CA LEU B 121 -15.43 7.65 6.98
C LEU B 121 -15.19 7.34 8.47
N LEU B 122 -16.19 6.80 9.16
CA LEU B 122 -16.02 6.46 10.58
C LEU B 122 -15.68 4.98 10.69
N THR B 123 -14.63 4.66 11.41
CA THR B 123 -14.22 3.27 11.58
C THR B 123 -14.25 3.00 13.09
N VAL B 124 -15.39 2.55 13.58
CA VAL B 124 -15.59 2.33 14.99
C VAL B 124 -15.70 0.88 15.43
N LEU B 125 -15.70 0.67 16.75
CA LEU B 125 -15.82 -0.67 17.33
C LEU B 125 -17.26 -1.06 17.55
N ASN B 126 -18.15 -0.08 17.63
CA ASN B 126 -19.57 -0.39 17.82
C ASN B 126 -20.46 0.76 17.42
N GLU B 127 -21.76 0.49 17.30
CA GLU B 127 -22.74 1.47 16.89
C GLU B 127 -22.74 2.72 17.75
N GLU B 128 -22.63 2.53 19.06
CA GLU B 128 -22.62 3.65 19.98
C GLU B 128 -21.59 4.70 19.59
N GLN B 129 -20.36 4.28 19.28
CA GLN B 129 -19.32 5.22 18.91
C GLN B 129 -19.65 5.94 17.62
N ALA B 130 -20.31 5.26 16.70
CA ALA B 130 -20.66 5.86 15.42
C ALA B 130 -21.68 7.00 15.64
N LEU B 131 -22.75 6.70 16.36
CA LEU B 131 -23.78 7.70 16.64
C LEU B 131 -23.25 8.89 17.43
N TYR B 132 -22.40 8.64 18.41
CA TYR B 132 -21.82 9.71 19.22
C TYR B 132 -21.07 10.71 18.34
N ARG B 133 -20.41 10.21 17.30
CA ARG B 133 -19.65 11.08 16.42
C ARG B 133 -20.51 11.64 15.30
N ALA B 134 -21.81 11.34 15.38
CA ALA B 134 -22.79 11.82 14.43
C ALA B 134 -23.58 12.91 15.14
N GLY B 135 -23.20 13.21 16.38
CA GLY B 135 -23.88 14.24 17.13
C GLY B 135 -24.95 13.78 18.10
N LEU B 136 -25.25 12.49 18.11
CA LEU B 136 -26.28 11.96 19.01
C LEU B 136 -25.72 11.66 20.39
N ASN B 137 -26.61 11.54 21.36
CA ASN B 137 -26.25 11.25 22.74
C ASN B 137 -25.11 12.09 23.28
N GLY B 138 -25.20 13.40 23.08
CA GLY B 138 -24.19 14.30 23.61
C GLY B 138 -22.86 14.40 22.90
N GLY B 139 -22.75 13.86 21.69
CA GLY B 139 -21.50 13.94 20.96
C GLY B 139 -21.53 15.06 19.92
N HIS B 140 -20.36 15.39 19.39
CA HIS B 140 -20.23 16.43 18.39
C HIS B 140 -20.46 15.83 17.00
N ASN B 141 -21.26 16.49 16.17
CA ASN B 141 -21.52 15.97 14.82
C ASN B 141 -20.34 16.24 13.89
N HIS B 142 -19.55 15.20 13.58
CA HIS B 142 -18.39 15.34 12.72
C HIS B 142 -18.68 15.76 11.28
N GLY B 143 -19.92 15.63 10.84
CA GLY B 143 -20.27 16.03 9.50
C GLY B 143 -20.11 17.53 9.31
N ASN B 144 -20.26 18.28 10.40
CA ASN B 144 -20.12 19.71 10.33
C ASN B 144 -18.69 20.03 9.97
N ASP B 145 -17.75 19.35 10.64
CA ASP B 145 -16.33 19.55 10.39
C ASP B 145 -16.01 19.25 8.95
N TRP B 146 -16.52 18.15 8.45
CA TRP B 146 -16.25 17.77 7.07
C TRP B 146 -16.75 18.84 6.09
N GLY B 147 -17.86 19.49 6.42
CA GLY B 147 -18.40 20.51 5.54
C GLY B 147 -17.45 21.70 5.40
N SER B 148 -16.97 22.21 6.53
CA SER B 148 -16.05 23.33 6.49
C SER B 148 -14.77 22.92 5.74
N ALA B 149 -14.20 21.77 6.12
CA ALA B 149 -13.00 21.28 5.46
C ALA B 149 -13.16 21.31 3.94
N ALA B 150 -14.29 20.81 3.46
CA ALA B 150 -14.55 20.79 2.04
C ALA B 150 -14.52 22.19 1.45
N VAL B 151 -15.21 23.12 2.09
CA VAL B 151 -15.26 24.50 1.63
C VAL B 151 -13.85 25.07 1.56
N GLU B 152 -13.10 24.91 2.64
CA GLU B 152 -11.74 25.42 2.68
C GLU B 152 -10.83 24.82 1.61
N MET B 153 -10.93 23.51 1.39
CA MET B 153 -10.11 22.87 0.39
C MET B 153 -10.55 23.28 -1.00
N GLY B 154 -11.85 23.47 -1.17
CA GLY B 154 -12.35 23.88 -2.47
C GLY B 154 -11.76 25.23 -2.86
N LEU B 155 -11.83 26.20 -1.96
CA LEU B 155 -11.30 27.53 -2.24
C LEU B 155 -9.79 27.53 -2.47
N LYS B 156 -9.05 26.80 -1.63
CA LYS B 156 -7.60 26.76 -1.78
C LYS B 156 -7.15 26.10 -3.07
N ALA B 157 -7.99 25.23 -3.63
CA ALA B 157 -7.63 24.58 -4.90
C ALA B 157 -7.97 25.57 -6.00
N LEU B 158 -8.40 26.76 -5.58
CA LEU B 158 -8.76 27.86 -6.47
C LEU B 158 -9.98 27.56 -7.36
N SER C 11 25.91 19.93 10.78
CA SER C 11 25.43 20.56 9.50
C SER C 11 25.76 22.06 9.41
N ASP C 12 26.65 22.39 8.48
CA ASP C 12 27.10 23.76 8.25
C ASP C 12 26.60 24.27 6.89
N LEU C 13 25.51 23.67 6.42
CA LEU C 13 24.91 23.99 5.13
C LEU C 13 24.09 25.26 5.11
N LYS C 14 24.31 26.10 4.11
CA LYS C 14 23.57 27.35 3.97
C LYS C 14 22.76 27.27 2.67
N GLY C 15 21.53 27.77 2.70
CA GLY C 15 20.70 27.73 1.52
C GLY C 15 19.91 29.00 1.32
N PRO C 16 20.58 30.13 1.03
CA PRO C 16 19.95 31.44 0.82
C PRO C 16 19.13 31.55 -0.45
N GLU C 17 19.27 30.61 -1.37
CA GLU C 17 18.50 30.64 -2.61
C GLU C 17 17.36 29.62 -2.62
N LEU C 18 17.20 28.94 -1.49
CA LEU C 18 16.16 27.92 -1.36
C LEU C 18 14.79 28.48 -1.08
N ARG C 19 13.79 27.87 -1.71
CA ARG C 19 12.40 28.26 -1.50
C ARG C 19 11.77 27.05 -0.83
N ILE C 20 11.40 27.20 0.43
CA ILE C 20 10.83 26.08 1.17
C ILE C 20 9.36 26.29 1.38
N LEU C 21 8.60 25.20 1.37
CA LEU C 21 7.16 25.26 1.60
C LEU C 21 6.83 24.48 2.87
N ILE C 22 5.98 25.05 3.72
CA ILE C 22 5.58 24.36 4.93
C ILE C 22 4.06 24.29 4.93
N VAL C 23 3.53 23.07 5.00
CA VAL C 23 2.08 22.89 5.05
C VAL C 23 1.79 22.21 6.37
N HIS C 24 0.94 22.82 7.19
CA HIS C 24 0.64 22.21 8.47
C HIS C 24 -0.83 22.18 8.74
N ALA C 25 -1.26 21.20 9.52
CA ALA C 25 -2.65 21.05 9.86
C ALA C 25 -2.93 21.99 11.02
N ARG C 26 -4.19 22.31 11.25
CA ARG C 26 -4.53 23.23 12.32
C ARG C 26 -5.08 22.56 13.57
N TRP C 27 -5.36 21.25 13.49
CA TRP C 27 -5.86 20.55 14.65
C TRP C 27 -4.70 20.45 15.66
N ASN C 28 -4.97 20.78 16.91
CA ASN C 28 -3.96 20.71 17.97
C ASN C 28 -2.85 21.73 17.79
N LEU C 29 -3.23 23.01 17.72
CA LEU C 29 -2.27 24.08 17.54
C LEU C 29 -1.28 24.24 18.67
N GLN C 30 -1.64 23.79 19.86
CA GLN C 30 -0.75 23.93 21.02
C GLN C 30 0.60 23.30 20.74
N ALA C 31 0.61 22.26 19.90
CA ALA C 31 1.84 21.56 19.55
C ALA C 31 2.35 21.95 18.17
N ILE C 32 1.44 22.23 17.24
CA ILE C 32 1.81 22.63 15.88
C ILE C 32 2.69 23.88 15.86
N GLU C 33 2.24 24.95 16.52
CA GLU C 33 3.00 26.20 16.56
C GLU C 33 4.47 25.99 16.93
N PRO C 34 4.74 25.42 18.11
CA PRO C 34 6.16 25.24 18.45
C PRO C 34 6.92 24.55 17.32
N LEU C 35 6.28 23.56 16.69
CA LEU C 35 6.92 22.84 15.61
C LEU C 35 7.20 23.71 14.40
N VAL C 36 6.17 24.40 13.88
CA VAL C 36 6.37 25.27 12.72
C VAL C 36 7.38 26.36 12.99
N LYS C 37 7.33 26.90 14.20
CA LYS C 37 8.23 27.98 14.61
C LYS C 37 9.65 27.47 14.64
N GLY C 38 9.83 26.29 15.23
CA GLY C 38 11.17 25.70 15.31
C GLY C 38 11.78 25.45 13.94
N ALA C 39 10.96 24.96 13.03
CA ALA C 39 11.40 24.69 11.68
C ALA C 39 11.81 25.98 10.98
N VAL C 40 11.06 27.05 11.19
CA VAL C 40 11.38 28.31 10.55
C VAL C 40 12.59 29.00 11.16
N GLU C 41 12.65 29.12 12.48
CA GLU C 41 13.80 29.75 13.11
C GLU C 41 15.10 29.03 12.76
N THR C 42 15.07 27.71 12.79
CA THR C 42 16.25 26.91 12.49
C THR C 42 16.80 27.15 11.08
N MET C 43 15.91 27.21 10.09
CA MET C 43 16.32 27.46 8.72
C MET C 43 16.94 28.84 8.54
N ILE C 44 16.30 29.84 9.12
CA ILE C 44 16.79 31.22 9.02
C ILE C 44 18.08 31.49 9.81
N GLU C 45 18.05 31.26 11.11
CA GLU C 45 19.20 31.54 11.97
C GLU C 45 20.39 30.63 11.73
N LYS C 46 20.13 29.39 11.36
CA LYS C 46 21.20 28.42 11.19
C LYS C 46 21.56 28.00 9.76
N HIS C 47 20.66 28.25 8.80
CA HIS C 47 20.93 27.86 7.41
C HIS C 47 20.83 29.01 6.41
N ASP C 48 20.78 30.24 6.92
CA ASP C 48 20.70 31.44 6.10
C ASP C 48 19.57 31.41 5.07
N VAL C 49 18.43 30.83 5.44
CA VAL C 49 17.30 30.80 4.54
C VAL C 49 16.59 32.14 4.68
N LYS C 50 16.13 32.70 3.58
CA LYS C 50 15.46 33.99 3.63
C LYS C 50 13.98 33.86 3.97
N LEU C 51 13.54 34.65 4.94
CA LEU C 51 12.16 34.62 5.39
C LEU C 51 11.16 34.75 4.25
N GLU C 52 11.43 35.63 3.29
CA GLU C 52 10.49 35.82 2.19
C GLU C 52 10.46 34.63 1.23
N ASN C 53 11.37 33.68 1.42
CA ASN C 53 11.40 32.49 0.57
C ASN C 53 10.79 31.29 1.26
N ILE C 54 10.03 31.54 2.33
CA ILE C 54 9.40 30.47 3.08
C ILE C 54 7.89 30.63 3.10
N ASP C 55 7.18 29.80 2.35
CA ASP C 55 5.73 29.84 2.31
C ASP C 55 5.15 28.96 3.40
N ILE C 56 4.24 29.50 4.19
CA ILE C 56 3.64 28.70 5.23
C ILE C 56 2.17 28.60 4.93
N GLU C 57 1.69 27.39 4.67
CA GLU C 57 0.28 27.17 4.39
C GLU C 57 -0.32 26.15 5.33
N SER C 58 -1.63 26.22 5.53
CA SER C 58 -2.30 25.30 6.42
C SER C 58 -3.52 24.64 5.78
N VAL C 59 -3.93 23.54 6.40
CA VAL C 59 -5.07 22.78 5.97
C VAL C 59 -5.80 22.41 7.27
N PRO C 60 -7.08 22.03 7.17
CA PRO C 60 -7.87 21.66 8.35
C PRO C 60 -7.19 20.59 9.19
N GLY C 61 -6.94 19.43 8.58
CA GLY C 61 -6.32 18.34 9.31
C GLY C 61 -5.25 17.59 8.54
N SER C 62 -4.65 16.59 9.17
CA SER C 62 -3.59 15.78 8.59
C SER C 62 -4.01 15.00 7.35
N TRP C 63 -5.29 14.75 7.19
CA TRP C 63 -5.73 14.01 6.01
C TRP C 63 -5.50 14.85 4.77
N GLU C 64 -5.74 16.15 4.89
CA GLU C 64 -5.57 17.07 3.77
C GLU C 64 -4.12 17.45 3.52
N LEU C 65 -3.23 16.97 4.37
CA LEU C 65 -1.82 17.28 4.23
C LEU C 65 -1.23 16.89 2.87
N PRO C 66 -1.41 15.62 2.43
CA PRO C 66 -0.85 15.24 1.13
C PRO C 66 -1.42 16.09 -0.01
N GLN C 67 -2.74 16.25 -0.04
CA GLN C 67 -3.39 17.03 -1.08
C GLN C 67 -2.97 18.49 -1.04
N GLY C 68 -2.76 19.02 0.15
CA GLY C 68 -2.35 20.41 0.24
C GLY C 68 -0.98 20.61 -0.35
N ILE C 69 -0.08 19.67 -0.11
CA ILE C 69 1.26 19.77 -0.65
C ILE C 69 1.23 19.61 -2.17
N ARG C 70 0.52 18.59 -2.66
CA ARG C 70 0.44 18.36 -4.09
C ARG C 70 -0.07 19.58 -4.84
N ALA C 71 -1.18 20.14 -4.35
CA ALA C 71 -1.77 21.32 -4.97
C ALA C 71 -0.79 22.47 -4.98
N SER C 72 -0.05 22.65 -3.90
CA SER C 72 0.89 23.76 -3.84
C SER C 72 2.15 23.59 -4.70
N ILE C 73 2.74 22.40 -4.75
CA ILE C 73 3.94 22.25 -5.55
C ILE C 73 3.62 22.17 -7.04
N ALA C 74 2.37 22.41 -7.38
CA ALA C 74 1.92 22.38 -8.77
C ALA C 74 1.77 23.82 -9.27
N ARG C 75 1.50 24.73 -8.35
CA ARG C 75 1.33 26.15 -8.68
C ARG C 75 2.64 26.93 -8.60
N ASN C 76 3.46 26.64 -7.59
CA ASN C 76 4.74 27.33 -7.44
C ASN C 76 5.87 26.33 -7.49
N THR C 77 7.09 26.81 -7.35
CA THR C 77 8.24 25.92 -7.35
C THR C 77 8.98 26.03 -6.02
N TYR C 78 9.17 24.88 -5.38
CA TYR C 78 9.85 24.83 -4.09
C TYR C 78 10.98 23.82 -4.21
N ASP C 79 11.97 23.95 -3.34
CA ASP C 79 13.10 23.04 -3.37
C ASP C 79 12.88 21.92 -2.38
N ALA C 80 12.10 22.19 -1.36
CA ALA C 80 11.78 21.19 -0.35
C ALA C 80 10.46 21.55 0.33
N VAL C 81 9.76 20.55 0.82
CA VAL C 81 8.48 20.77 1.49
C VAL C 81 8.47 20.03 2.81
N ILE C 82 7.82 20.62 3.80
CA ILE C 82 7.71 20.00 5.13
C ILE C 82 6.22 19.84 5.47
N GLY C 83 5.80 18.61 5.77
CA GLY C 83 4.41 18.34 6.12
C GLY C 83 4.31 18.17 7.61
N ILE C 84 3.65 19.11 8.28
CA ILE C 84 3.53 19.06 9.74
C ILE C 84 2.10 18.85 10.23
N GLY C 85 1.93 17.92 11.15
CA GLY C 85 0.62 17.63 11.71
C GLY C 85 0.78 16.77 12.94
N VAL C 86 -0.27 16.66 13.74
CA VAL C 86 -0.21 15.85 14.95
C VAL C 86 -1.42 14.94 15.03
N LEU C 87 -1.16 13.64 15.16
CA LEU C 87 -2.24 12.66 15.27
C LEU C 87 -2.13 11.99 16.63
N ILE C 88 -3.25 11.94 17.35
CA ILE C 88 -3.29 11.31 18.67
C ILE C 88 -4.30 10.18 18.70
N LYS C 89 -3.90 9.04 19.26
CA LYS C 89 -4.78 7.88 19.35
C LYS C 89 -6.07 8.18 20.11
N GLY C 90 -7.20 7.83 19.51
CA GLY C 90 -8.48 8.08 20.14
C GLY C 90 -9.14 6.80 20.64
N SER C 91 -10.46 6.82 20.74
CA SER C 91 -11.17 5.64 21.21
C SER C 91 -11.48 4.66 20.10
N THR C 92 -11.39 5.13 18.85
CA THR C 92 -11.67 4.27 17.69
C THR C 92 -10.43 3.94 16.88
N MET C 93 -10.63 3.24 15.76
CA MET C 93 -9.53 2.86 14.88
C MET C 93 -9.12 3.98 13.92
N HIS C 94 -9.76 5.13 14.08
CA HIS C 94 -9.51 6.32 13.27
C HIS C 94 -8.02 6.65 13.17
N PHE C 95 -7.38 6.80 14.33
CA PHE C 95 -5.97 7.11 14.38
C PHE C 95 -5.18 6.16 13.49
N GLU C 96 -5.38 4.87 13.72
CA GLU C 96 -4.66 3.87 12.96
C GLU C 96 -4.77 4.03 11.44
N TYR C 97 -5.99 4.13 10.93
CA TYR C 97 -6.19 4.25 9.49
C TYR C 97 -5.77 5.57 8.86
N ILE C 98 -5.97 6.68 9.54
CA ILE C 98 -5.57 7.96 8.98
C ILE C 98 -4.06 8.06 8.95
N SER C 99 -3.42 7.65 10.04
CA SER C 99 -1.98 7.71 10.09
C SER C 99 -1.43 6.97 8.90
N GLU C 100 -1.91 5.75 8.70
CA GLU C 100 -1.45 4.92 7.59
C GLU C 100 -1.59 5.61 6.25
N ALA C 101 -2.79 6.12 5.96
CA ALA C 101 -3.05 6.79 4.69
C ALA C 101 -2.22 8.04 4.44
N VAL C 102 -2.13 8.91 5.44
CA VAL C 102 -1.36 10.14 5.30
C VAL C 102 0.12 9.85 5.09
N VAL C 103 0.64 8.88 5.82
CA VAL C 103 2.05 8.53 5.71
C VAL C 103 2.38 8.05 4.30
N HIS C 104 1.65 7.06 3.81
CA HIS C 104 1.90 6.55 2.47
C HIS C 104 1.65 7.69 1.47
N GLY C 105 0.71 8.56 1.79
CA GLY C 105 0.39 9.68 0.92
C GLY C 105 1.51 10.68 0.75
N LEU C 106 2.11 11.12 1.85
CA LEU C 106 3.22 12.07 1.81
C LEU C 106 4.36 11.48 1.01
N MET C 107 4.69 10.21 1.29
CA MET C 107 5.76 9.52 0.58
C MET C 107 5.49 9.53 -0.91
N ARG C 108 4.23 9.42 -1.30
CA ARG C 108 3.89 9.41 -2.73
C ARG C 108 4.00 10.77 -3.39
N VAL C 109 3.49 11.78 -2.72
CA VAL C 109 3.52 13.12 -3.27
C VAL C 109 4.96 13.49 -3.57
N GLY C 110 5.86 12.97 -2.74
CA GLY C 110 7.27 13.28 -2.93
C GLY C 110 7.94 12.53 -4.06
N LEU C 111 7.67 11.23 -4.18
CA LEU C 111 8.27 10.42 -5.23
C LEU C 111 7.70 10.76 -6.60
N ASP C 112 6.44 11.19 -6.62
CA ASP C 112 5.78 11.54 -7.87
C ASP C 112 6.32 12.85 -8.46
N SER C 113 6.41 13.87 -7.61
CA SER C 113 6.85 15.20 -8.02
C SER C 113 8.35 15.39 -8.14
N GLY C 114 9.13 14.64 -7.36
CA GLY C 114 10.56 14.81 -7.42
C GLY C 114 11.01 15.82 -6.37
N VAL C 115 10.06 16.37 -5.63
CA VAL C 115 10.39 17.33 -4.59
C VAL C 115 10.52 16.65 -3.22
N PRO C 116 11.60 16.96 -2.49
CA PRO C 116 11.81 16.36 -1.16
C PRO C 116 10.68 16.76 -0.20
N VAL C 117 10.12 15.76 0.47
CA VAL C 117 9.04 16.02 1.42
C VAL C 117 9.54 15.54 2.75
N ILE C 118 9.68 16.45 3.70
CA ILE C 118 10.14 16.09 5.04
C ILE C 118 8.95 15.70 5.89
N PHE C 119 9.08 14.56 6.57
CA PHE C 119 8.02 14.01 7.40
C PHE C 119 7.90 14.68 8.79
N GLY C 120 7.07 15.70 8.89
CA GLY C 120 6.89 16.40 10.16
C GLY C 120 5.57 16.03 10.82
N LEU C 121 5.23 14.75 10.70
CA LEU C 121 4.01 14.24 11.25
C LEU C 121 4.26 13.46 12.54
N LEU C 122 3.65 13.90 13.63
CA LEU C 122 3.79 13.21 14.90
C LEU C 122 2.59 12.30 15.06
N THR C 123 2.83 11.04 15.40
CA THR C 123 1.75 10.07 15.61
C THR C 123 1.96 9.54 17.02
N VAL C 124 1.27 10.16 17.99
CA VAL C 124 1.43 9.83 19.39
C VAL C 124 0.21 9.23 20.10
N LEU C 125 0.43 8.75 21.32
CA LEU C 125 -0.63 8.15 22.12
C LEU C 125 -1.38 9.17 22.95
N ASN C 126 -0.74 10.32 23.20
CA ASN C 126 -1.39 11.35 23.98
C ASN C 126 -0.73 12.72 23.81
N GLU C 127 -1.47 13.77 24.21
CA GLU C 127 -1.01 15.15 24.11
C GLU C 127 0.38 15.36 24.69
N GLU C 128 0.63 14.85 25.89
CA GLU C 128 1.92 14.98 26.53
C GLU C 128 3.10 14.59 25.63
N GLN C 129 2.97 13.48 24.91
CA GLN C 129 4.03 13.02 24.04
C GLN C 129 4.26 13.99 22.90
N ALA C 130 3.18 14.55 22.37
CA ALA C 130 3.28 15.50 21.26
C ALA C 130 4.05 16.74 21.69
N LEU C 131 3.59 17.36 22.78
CA LEU C 131 4.19 18.56 23.32
C LEU C 131 5.66 18.36 23.63
N TYR C 132 6.00 17.23 24.19
CA TYR C 132 7.38 16.94 24.53
C TYR C 132 8.28 16.93 23.29
N ARG C 133 7.73 16.52 22.16
CA ARG C 133 8.50 16.46 20.92
C ARG C 133 8.43 17.78 20.17
N ALA C 134 7.72 18.74 20.77
CA ALA C 134 7.59 20.07 20.22
C ALA C 134 8.48 20.96 21.08
N GLY C 135 9.35 20.35 21.87
CA GLY C 135 10.24 21.12 22.73
C GLY C 135 9.72 21.61 24.07
N LEU C 136 8.48 21.30 24.42
CA LEU C 136 7.93 21.73 25.71
C LEU C 136 8.26 20.74 26.81
N ASN C 137 8.03 21.14 28.05
CA ASN C 137 8.30 20.31 29.22
C ASN C 137 9.62 19.54 29.17
N GLY C 138 10.68 20.20 28.71
CA GLY C 138 11.99 19.56 28.66
C GLY C 138 12.32 18.67 27.49
N GLY C 139 11.49 18.66 26.47
CA GLY C 139 11.79 17.80 25.33
C GLY C 139 12.53 18.56 24.25
N HIS C 140 12.99 17.84 23.24
CA HIS C 140 13.70 18.44 22.11
C HIS C 140 12.70 18.81 21.01
N ASN C 141 12.80 20.02 20.46
CA ASN C 141 11.87 20.43 19.40
C ASN C 141 12.25 19.76 18.07
N HIS C 142 11.42 18.83 17.62
CA HIS C 142 11.65 18.12 16.37
C HIS C 142 11.49 19.01 15.14
N GLY C 143 10.86 20.16 15.31
CA GLY C 143 10.68 21.07 14.19
C GLY C 143 12.03 21.57 13.70
N ASN C 144 12.97 21.68 14.64
CA ASN C 144 14.30 22.16 14.31
C ASN C 144 14.92 21.17 13.35
N ASP C 145 14.87 19.89 13.71
CA ASP C 145 15.44 18.86 12.86
C ASP C 145 14.87 18.88 11.48
N TRP C 146 13.55 19.05 11.38
CA TRP C 146 12.90 19.04 10.07
C TRP C 146 13.38 20.20 9.23
N GLY C 147 13.77 21.29 9.89
CA GLY C 147 14.27 22.45 9.18
C GLY C 147 15.61 22.16 8.54
N SER C 148 16.52 21.59 9.30
CA SER C 148 17.82 21.27 8.77
C SER C 148 17.67 20.27 7.64
N ALA C 149 16.79 19.28 7.84
CA ALA C 149 16.56 18.24 6.85
C ALA C 149 16.12 18.86 5.53
N ALA C 150 15.17 19.77 5.63
CA ALA C 150 14.64 20.44 4.45
C ALA C 150 15.74 21.14 3.66
N VAL C 151 16.60 21.86 4.36
CA VAL C 151 17.69 22.58 3.72
C VAL C 151 18.64 21.64 3.01
N GLU C 152 19.01 20.57 3.68
CA GLU C 152 19.93 19.60 3.09
C GLU C 152 19.31 18.95 1.86
N MET C 153 18.09 18.44 1.96
CA MET C 153 17.45 17.79 0.82
C MET C 153 17.25 18.77 -0.31
N GLY C 154 16.96 20.02 0.01
CA GLY C 154 16.77 21.01 -1.02
C GLY C 154 18.04 21.19 -1.86
N LEU C 155 19.18 21.29 -1.18
CA LEU C 155 20.47 21.46 -1.85
C LEU C 155 20.90 20.23 -2.62
N LYS C 156 20.73 19.05 -2.05
CA LYS C 156 21.13 17.84 -2.73
C LYS C 156 20.27 17.57 -3.96
N ALA C 157 19.09 18.18 -3.99
CA ALA C 157 18.17 18.00 -5.12
C ALA C 157 18.52 18.92 -6.28
N LEU C 158 19.45 19.85 -6.05
CA LEU C 158 19.85 20.73 -7.12
C LEU C 158 21.25 20.28 -7.50
N TYR C 159 22.19 20.96 -6.87
CA TYR C 159 23.60 20.74 -7.03
C TYR C 159 23.96 19.29 -6.72
N ASP D 12 32.70 -16.11 -6.21
CA ASP D 12 32.38 -16.63 -7.58
C ASP D 12 31.98 -15.51 -8.56
N LEU D 13 31.28 -14.48 -8.05
CA LEU D 13 30.86 -13.38 -8.91
C LEU D 13 31.78 -12.17 -8.79
N LYS D 14 32.35 -11.77 -9.92
CA LYS D 14 33.25 -10.63 -9.98
C LYS D 14 32.58 -9.57 -10.82
N GLY D 15 32.62 -8.32 -10.36
CA GLY D 15 31.98 -7.26 -11.11
C GLY D 15 32.82 -6.00 -11.12
N PRO D 16 33.96 -6.02 -11.83
CA PRO D 16 34.89 -4.88 -11.94
C PRO D 16 34.35 -3.68 -12.72
N GLU D 17 33.38 -3.91 -13.59
CA GLU D 17 32.82 -2.84 -14.39
C GLU D 17 31.53 -2.27 -13.80
N LEU D 18 31.20 -2.73 -12.59
CA LEU D 18 29.97 -2.28 -11.92
C LEU D 18 30.12 -0.95 -11.20
N ARG D 19 29.08 -0.15 -11.27
CA ARG D 19 29.06 1.14 -10.59
C ARG D 19 27.95 1.00 -9.54
N ILE D 20 28.33 1.03 -8.27
CA ILE D 20 27.36 0.86 -7.19
C ILE D 20 27.13 2.15 -6.42
N LEU D 21 25.88 2.35 -6.00
CA LEU D 21 25.51 3.54 -5.23
C LEU D 21 25.07 3.12 -3.84
N ILE D 22 25.58 3.81 -2.83
CA ILE D 22 25.21 3.52 -1.44
C ILE D 22 24.64 4.77 -0.81
N VAL D 23 23.37 4.73 -0.42
CA VAL D 23 22.75 5.87 0.23
C VAL D 23 22.42 5.45 1.65
N HIS D 24 22.97 6.16 2.63
CA HIS D 24 22.74 5.81 4.02
C HIS D 24 22.30 7.00 4.85
N ALA D 25 21.47 6.73 5.85
CA ALA D 25 20.99 7.77 6.73
C ALA D 25 22.10 8.03 7.75
N ARG D 26 22.02 9.14 8.47
CA ARG D 26 23.05 9.46 9.44
C ARG D 26 22.64 9.25 10.88
N TRP D 27 21.36 8.95 11.10
CA TRP D 27 20.91 8.71 12.46
C TRP D 27 21.46 7.35 12.92
N ASN D 28 22.01 7.34 14.13
CA ASN D 28 22.58 6.13 14.71
C ASN D 28 23.80 5.62 13.95
N LEU D 29 24.81 6.48 13.85
CA LEU D 29 26.04 6.13 13.15
C LEU D 29 26.85 5.00 13.76
N GLN D 30 26.68 4.77 15.05
CA GLN D 30 27.42 3.69 15.70
C GLN D 30 27.15 2.35 14.99
N ALA D 31 25.97 2.20 14.39
CA ALA D 31 25.59 0.98 13.66
C ALA D 31 25.69 1.13 12.13
N ILE D 32 25.47 2.34 11.63
CA ILE D 32 25.55 2.59 10.20
C ILE D 32 26.95 2.34 9.65
N GLU D 33 27.95 2.96 10.27
CA GLU D 33 29.33 2.80 9.82
C GLU D 33 29.77 1.34 9.61
N PRO D 34 29.63 0.50 10.64
CA PRO D 34 30.05 -0.89 10.44
C PRO D 34 29.36 -1.52 9.21
N LEU D 35 28.09 -1.19 9.02
CA LEU D 35 27.33 -1.71 7.90
C LEU D 35 27.85 -1.18 6.57
N VAL D 36 27.95 0.13 6.44
CA VAL D 36 28.44 0.72 5.20
C VAL D 36 29.82 0.13 4.88
N LYS D 37 30.68 0.08 5.90
CA LYS D 37 32.03 -0.42 5.76
C LYS D 37 32.05 -1.86 5.25
N GLY D 38 31.30 -2.74 5.92
CA GLY D 38 31.25 -4.12 5.49
C GLY D 38 30.72 -4.29 4.07
N ALA D 39 29.74 -3.47 3.71
CA ALA D 39 29.18 -3.59 2.37
C ALA D 39 30.27 -3.24 1.37
N VAL D 40 31.03 -2.18 1.66
CA VAL D 40 32.10 -1.76 0.76
C VAL D 40 33.25 -2.76 0.66
N GLU D 41 33.84 -3.12 1.79
CA GLU D 41 34.94 -4.08 1.81
C GLU D 41 34.59 -5.37 1.07
N THR D 42 33.42 -5.93 1.38
CA THR D 42 33.01 -7.17 0.74
C THR D 42 32.98 -7.08 -0.79
N MET D 43 32.49 -5.97 -1.32
CA MET D 43 32.41 -5.79 -2.76
C MET D 43 33.80 -5.71 -3.38
N ILE D 44 34.68 -4.97 -2.72
CA ILE D 44 36.06 -4.81 -3.18
C ILE D 44 36.90 -6.08 -3.02
N GLU D 45 37.09 -6.50 -1.78
CA GLU D 45 37.90 -7.68 -1.52
C GLU D 45 37.35 -9.00 -2.04
N LYS D 46 36.05 -9.09 -2.22
CA LYS D 46 35.48 -10.36 -2.64
C LYS D 46 34.83 -10.38 -4.02
N HIS D 47 34.50 -9.22 -4.57
CA HIS D 47 33.84 -9.19 -5.88
C HIS D 47 34.58 -8.36 -6.93
N ASP D 48 35.78 -7.93 -6.59
CA ASP D 48 36.61 -7.14 -7.50
C ASP D 48 35.94 -5.87 -7.97
N VAL D 49 35.20 -5.21 -7.08
CA VAL D 49 34.56 -3.96 -7.44
C VAL D 49 35.62 -2.88 -7.19
N LYS D 50 35.71 -1.92 -8.10
CA LYS D 50 36.70 -0.85 -7.95
C LYS D 50 36.18 0.27 -7.05
N LEU D 51 37.00 0.63 -6.07
CA LEU D 51 36.65 1.68 -5.12
C LEU D 51 36.14 2.95 -5.78
N GLU D 52 36.77 3.39 -6.87
CA GLU D 52 36.34 4.62 -7.52
C GLU D 52 34.97 4.49 -8.18
N ASN D 53 34.46 3.26 -8.27
CA ASN D 53 33.14 3.04 -8.87
C ASN D 53 32.04 2.87 -7.84
N ILE D 54 32.31 3.28 -6.61
CA ILE D 54 31.36 3.16 -5.52
C ILE D 54 31.04 4.50 -4.93
N ASP D 55 29.85 5.03 -5.22
CA ASP D 55 29.47 6.32 -4.68
C ASP D 55 28.76 6.14 -3.35
N ILE D 56 29.21 6.87 -2.35
CA ILE D 56 28.59 6.79 -1.04
C ILE D 56 27.99 8.14 -0.67
N GLU D 57 26.66 8.19 -0.63
CA GLU D 57 25.97 9.41 -0.27
C GLU D 57 25.09 9.22 0.97
N SER D 58 24.79 10.31 1.65
CA SER D 58 23.98 10.21 2.86
C SER D 58 22.81 11.17 2.89
N VAL D 59 21.89 10.88 3.81
CA VAL D 59 20.70 11.70 4.01
C VAL D 59 20.48 11.76 5.52
N PRO D 60 19.76 12.78 5.99
CA PRO D 60 19.49 12.93 7.42
C PRO D 60 19.03 11.62 8.07
N GLY D 61 17.84 11.16 7.69
CA GLY D 61 17.31 9.93 8.25
C GLY D 61 16.76 8.97 7.22
N SER D 62 16.18 7.86 7.70
CA SER D 62 15.60 6.82 6.85
C SER D 62 14.41 7.25 5.98
N TRP D 63 13.72 8.31 6.37
CA TRP D 63 12.58 8.77 5.57
C TRP D 63 13.05 9.34 4.24
N GLU D 64 14.19 10.00 4.25
CA GLU D 64 14.73 10.61 3.05
C GLU D 64 15.39 9.60 2.15
N LEU D 65 15.54 8.38 2.66
CA LEU D 65 16.19 7.29 1.92
C LEU D 65 15.64 7.09 0.51
N PRO D 66 14.32 6.79 0.36
CA PRO D 66 13.80 6.59 -0.98
C PRO D 66 14.10 7.76 -1.91
N GLN D 67 13.81 8.97 -1.45
CA GLN D 67 14.04 10.18 -2.24
C GLN D 67 15.52 10.40 -2.54
N GLY D 68 16.40 10.03 -1.62
CA GLY D 68 17.81 10.20 -1.87
C GLY D 68 18.21 9.34 -3.04
N ILE D 69 17.75 8.10 -3.02
CA ILE D 69 18.07 7.15 -4.08
C ILE D 69 17.49 7.61 -5.42
N ARG D 70 16.21 7.96 -5.43
CA ARG D 70 15.56 8.39 -6.66
C ARG D 70 16.32 9.55 -7.30
N ALA D 71 16.62 10.58 -6.51
CA ALA D 71 17.34 11.74 -7.02
C ALA D 71 18.69 11.36 -7.60
N SER D 72 19.41 10.47 -6.92
CA SER D 72 20.73 10.04 -7.38
C SER D 72 20.73 9.18 -8.65
N ILE D 73 19.88 8.15 -8.72
CA ILE D 73 19.88 7.31 -9.92
C ILE D 73 19.25 8.02 -11.12
N ALA D 74 19.00 9.33 -10.98
CA ALA D 74 18.42 10.11 -12.07
C ALA D 74 19.53 10.93 -12.71
N ARG D 75 20.50 11.33 -11.89
CA ARG D 75 21.65 12.12 -12.35
C ARG D 75 22.76 11.26 -12.92
N ASN D 76 23.07 10.17 -12.25
CA ASN D 76 24.12 9.27 -12.73
C ASN D 76 23.51 7.91 -13.07
N THR D 77 24.34 6.99 -13.56
CA THR D 77 23.88 5.65 -13.90
C THR D 77 24.58 4.63 -13.03
N TYR D 78 23.79 3.84 -12.31
CA TYR D 78 24.35 2.83 -11.43
C TYR D 78 23.79 1.47 -11.83
N ASP D 79 24.45 0.41 -11.42
CA ASP D 79 23.98 -0.92 -11.75
C ASP D 79 23.16 -1.50 -10.60
N ALA D 80 23.39 -0.99 -9.40
CA ALA D 80 22.69 -1.45 -8.22
C ALA D 80 22.80 -0.40 -7.15
N VAL D 81 21.80 -0.34 -6.29
CA VAL D 81 21.77 0.63 -5.20
C VAL D 81 21.48 -0.06 -3.88
N ILE D 82 22.12 0.40 -2.81
CA ILE D 82 21.88 -0.15 -1.49
C ILE D 82 21.38 0.97 -0.58
N GLY D 83 20.27 0.72 0.10
CA GLY D 83 19.74 1.72 1.01
C GLY D 83 20.05 1.24 2.41
N ILE D 84 20.79 2.03 3.16
CA ILE D 84 21.13 1.63 4.52
C ILE D 84 20.58 2.61 5.54
N GLY D 85 19.97 2.05 6.58
CA GLY D 85 19.39 2.87 7.62
C GLY D 85 19.04 2.00 8.82
N VAL D 86 18.81 2.62 9.96
CA VAL D 86 18.48 1.90 11.17
C VAL D 86 17.30 2.58 11.85
N LEU D 87 16.27 1.81 12.15
CA LEU D 87 15.08 2.30 12.80
C LEU D 87 14.86 1.51 14.08
N ILE D 88 14.71 2.23 15.19
CA ILE D 88 14.49 1.61 16.49
C ILE D 88 13.16 2.04 17.11
N LYS D 89 12.38 1.07 17.58
CA LYS D 89 11.10 1.36 18.20
C LYS D 89 11.23 2.37 19.33
N GLY D 90 10.38 3.39 19.33
CA GLY D 90 10.43 4.39 20.38
C GLY D 90 9.21 4.28 21.30
N SER D 91 8.75 5.41 21.84
CA SER D 91 7.59 5.40 22.75
C SER D 91 6.27 5.57 22.01
N THR D 92 6.32 6.21 20.84
CA THR D 92 5.14 6.45 20.04
C THR D 92 5.01 5.48 18.86
N MET D 93 4.05 5.74 17.97
CA MET D 93 3.82 4.88 16.83
C MET D 93 4.68 5.24 15.63
N HIS D 94 5.57 6.19 15.85
CA HIS D 94 6.50 6.69 14.83
C HIS D 94 7.23 5.58 14.08
N PHE D 95 7.93 4.74 14.83
CA PHE D 95 8.68 3.63 14.28
C PHE D 95 7.85 2.84 13.28
N GLU D 96 6.68 2.41 13.73
CA GLU D 96 5.81 1.62 12.88
C GLU D 96 5.45 2.28 11.55
N TYR D 97 4.98 3.51 11.59
CA TYR D 97 4.58 4.20 10.37
C TYR D 97 5.71 4.58 9.45
N ILE D 98 6.84 4.99 10.00
CA ILE D 98 7.95 5.34 9.14
C ILE D 98 8.46 4.09 8.47
N SER D 99 8.62 3.02 9.25
CA SER D 99 9.11 1.76 8.72
C SER D 99 8.27 1.29 7.56
N GLU D 100 6.97 1.40 7.72
CA GLU D 100 6.07 0.98 6.67
C GLU D 100 6.29 1.82 5.41
N ALA D 101 6.32 3.14 5.55
CA ALA D 101 6.52 4.03 4.40
C ALA D 101 7.84 3.84 3.65
N VAL D 102 8.95 3.79 4.38
CA VAL D 102 10.24 3.64 3.74
C VAL D 102 10.37 2.31 3.02
N VAL D 103 9.84 1.26 3.62
CA VAL D 103 9.93 -0.04 3.00
C VAL D 103 9.20 -0.06 1.66
N HIS D 104 7.94 0.36 1.64
CA HIS D 104 7.17 0.39 0.41
C HIS D 104 7.82 1.38 -0.55
N GLY D 105 8.45 2.41 0.01
CA GLY D 105 9.11 3.41 -0.82
C GLY D 105 10.29 2.86 -1.58
N LEU D 106 11.21 2.19 -0.87
CA LEU D 106 12.40 1.62 -1.48
C LEU D 106 11.99 0.67 -2.60
N MET D 107 11.05 -0.21 -2.31
CA MET D 107 10.54 -1.16 -3.28
C MET D 107 10.03 -0.46 -4.51
N ARG D 108 9.42 0.70 -4.32
CA ARG D 108 8.89 1.44 -5.47
C ARG D 108 9.98 2.06 -6.34
N VAL D 109 10.91 2.75 -5.70
CA VAL D 109 12.01 3.38 -6.39
C VAL D 109 12.74 2.35 -7.24
N GLY D 110 12.81 1.13 -6.74
CA GLY D 110 13.46 0.08 -7.50
C GLY D 110 12.67 -0.42 -8.70
N LEU D 111 11.35 -0.63 -8.52
CA LEU D 111 10.51 -1.13 -9.60
C LEU D 111 10.18 -0.08 -10.64
N ASP D 112 10.22 1.19 -10.23
CA ASP D 112 9.95 2.28 -11.15
C ASP D 112 11.11 2.53 -12.08
N SER D 113 12.32 2.55 -11.52
CA SER D 113 13.53 2.84 -12.27
C SER D 113 14.13 1.69 -13.05
N GLY D 114 13.98 0.49 -12.53
CA GLY D 114 14.56 -0.66 -13.20
C GLY D 114 15.93 -0.93 -12.64
N VAL D 115 16.29 -0.22 -11.57
CA VAL D 115 17.58 -0.40 -10.91
C VAL D 115 17.45 -1.23 -9.65
N PRO D 116 18.28 -2.25 -9.49
CA PRO D 116 18.18 -3.07 -8.29
C PRO D 116 18.40 -2.23 -7.03
N VAL D 117 17.53 -2.39 -6.03
CA VAL D 117 17.67 -1.66 -4.78
C VAL D 117 17.80 -2.65 -3.64
N ILE D 118 18.99 -2.80 -3.07
CA ILE D 118 19.18 -3.74 -1.97
C ILE D 118 18.69 -3.13 -0.66
N PHE D 119 17.86 -3.90 0.05
CA PHE D 119 17.26 -3.49 1.31
C PHE D 119 18.24 -3.59 2.50
N GLY D 120 18.88 -2.49 2.84
CA GLY D 120 19.81 -2.50 3.95
C GLY D 120 19.29 -1.71 5.12
N LEU D 121 17.99 -1.83 5.36
CA LEU D 121 17.32 -1.12 6.44
C LEU D 121 17.09 -2.05 7.62
N LEU D 122 17.55 -1.64 8.80
CA LEU D 122 17.34 -2.47 9.97
C LEU D 122 16.15 -1.88 10.76
N THR D 123 15.21 -2.73 11.14
CA THR D 123 14.06 -2.27 11.91
C THR D 123 14.03 -3.11 13.19
N VAL D 124 14.71 -2.60 14.21
CA VAL D 124 14.84 -3.29 15.47
C VAL D 124 14.11 -2.69 16.66
N LEU D 125 14.06 -3.46 17.74
CA LEU D 125 13.41 -3.04 18.97
C LEU D 125 14.37 -2.25 19.86
N ASN D 126 15.67 -2.40 19.64
CA ASN D 126 16.63 -1.68 20.46
C ASN D 126 18.02 -1.64 19.85
N GLU D 127 18.85 -0.73 20.36
CA GLU D 127 20.21 -0.54 19.89
C GLU D 127 21.01 -1.83 19.81
N GLU D 128 20.96 -2.62 20.87
CA GLU D 128 21.68 -3.89 20.92
C GLU D 128 21.44 -4.73 19.67
N GLN D 129 20.18 -4.90 19.30
CA GLN D 129 19.82 -5.70 18.12
C GLN D 129 20.45 -5.16 16.84
N ALA D 130 20.51 -3.84 16.73
CA ALA D 130 21.06 -3.22 15.54
C ALA D 130 22.56 -3.49 15.46
N LEU D 131 23.27 -3.23 16.56
CA LEU D 131 24.72 -3.45 16.61
C LEU D 131 25.08 -4.91 16.31
N TYR D 132 24.30 -5.83 16.87
CA TYR D 132 24.53 -7.25 16.67
C TYR D 132 24.47 -7.60 15.20
N ARG D 133 23.58 -6.95 14.47
CA ARG D 133 23.44 -7.21 13.06
C ARG D 133 24.39 -6.39 12.23
N ALA D 134 25.25 -5.64 12.92
CA ALA D 134 26.25 -4.81 12.27
C ALA D 134 27.61 -5.48 12.50
N GLY D 135 27.58 -6.66 13.08
CA GLY D 135 28.82 -7.39 13.31
C GLY D 135 29.45 -7.23 14.69
N LEU D 136 28.89 -6.36 15.52
CA LEU D 136 29.43 -6.14 16.86
C LEU D 136 28.95 -7.19 17.84
N ASN D 137 29.60 -7.25 19.00
CA ASN D 137 29.26 -8.19 20.05
C ASN D 137 28.94 -9.62 19.60
N GLY D 138 29.76 -10.17 18.71
CA GLY D 138 29.56 -11.53 18.25
C GLY D 138 28.53 -11.80 17.16
N GLY D 139 27.91 -10.76 16.61
CA GLY D 139 26.94 -10.99 15.55
C GLY D 139 27.58 -10.94 14.18
N HIS D 140 26.80 -11.27 13.16
CA HIS D 140 27.28 -11.26 11.78
C HIS D 140 26.99 -9.90 11.16
N ASN D 141 27.91 -9.38 10.36
CA ASN D 141 27.71 -8.07 9.75
C ASN D 141 26.87 -8.18 8.49
N HIS D 142 25.62 -7.73 8.57
CA HIS D 142 24.69 -7.80 7.45
C HIS D 142 25.07 -6.97 6.24
N GLY D 143 25.97 -6.01 6.44
CA GLY D 143 26.39 -5.19 5.33
C GLY D 143 27.13 -6.02 4.30
N ASN D 144 27.80 -7.06 4.76
CA ASN D 144 28.55 -7.95 3.88
C ASN D 144 27.59 -8.61 2.91
N ASP D 145 26.46 -9.07 3.43
CA ASP D 145 25.46 -9.74 2.62
C ASP D 145 24.88 -8.79 1.57
N TRP D 146 24.64 -7.55 1.96
CA TRP D 146 24.07 -6.58 1.03
C TRP D 146 25.02 -6.28 -0.12
N GLY D 147 26.33 -6.32 0.17
CA GLY D 147 27.31 -6.06 -0.86
C GLY D 147 27.31 -7.13 -1.95
N SER D 148 27.32 -8.40 -1.55
CA SER D 148 27.29 -9.47 -2.53
C SER D 148 25.99 -9.37 -3.31
N ALA D 149 24.90 -9.14 -2.58
CA ALA D 149 23.57 -9.03 -3.18
C ALA D 149 23.57 -7.99 -4.28
N ALA D 150 24.16 -6.83 -3.99
CA ALA D 150 24.24 -5.75 -4.96
C ALA D 150 25.03 -6.18 -6.19
N VAL D 151 26.15 -6.86 -5.96
CA VAL D 151 26.97 -7.30 -7.06
C VAL D 151 26.20 -8.25 -7.94
N GLU D 152 25.56 -9.23 -7.34
CA GLU D 152 24.78 -10.20 -8.10
C GLU D 152 23.64 -9.57 -8.89
N MET D 153 22.84 -8.73 -8.24
CA MET D 153 21.74 -8.10 -8.94
C MET D 153 22.27 -7.22 -10.07
N GLY D 154 23.36 -6.53 -9.83
CA GLY D 154 23.91 -5.66 -10.86
C GLY D 154 24.26 -6.42 -12.13
N LEU D 155 24.87 -7.59 -11.97
CA LEU D 155 25.26 -8.43 -13.09
C LEU D 155 24.04 -9.01 -13.79
N LYS D 156 23.10 -9.56 -13.03
CA LYS D 156 21.91 -10.14 -13.65
C LYS D 156 21.10 -9.12 -14.42
N ALA D 157 21.27 -7.85 -14.07
CA ALA D 157 20.56 -6.78 -14.77
C ALA D 157 21.39 -6.35 -15.97
N LEU D 158 22.59 -6.93 -16.09
CA LEU D 158 23.58 -6.69 -17.14
C LEU D 158 24.41 -5.40 -16.97
N GLY E 7 -10.22 -27.15 1.10
CA GLY E 7 -9.12 -27.75 0.29
C GLY E 7 -8.96 -27.12 -1.08
N PRO E 8 -7.76 -27.16 -1.67
CA PRO E 8 -7.44 -26.58 -3.00
C PRO E 8 -7.86 -27.45 -4.19
N ASN E 9 -8.56 -26.85 -5.16
CA ASN E 9 -9.02 -27.59 -6.33
C ASN E 9 -8.22 -27.25 -7.61
N PRO E 10 -7.10 -27.95 -7.84
CA PRO E 10 -6.22 -27.77 -9.01
C PRO E 10 -6.87 -28.08 -10.37
N SER E 11 -6.12 -28.70 -11.28
CA SER E 11 -6.65 -29.04 -12.60
C SER E 11 -5.97 -30.23 -13.32
N ASP E 12 -6.45 -30.52 -14.54
CA ASP E 12 -5.95 -31.62 -15.39
C ASP E 12 -5.71 -31.09 -16.82
N LEU E 13 -5.58 -29.78 -16.91
CA LEU E 13 -5.34 -29.04 -18.14
C LEU E 13 -3.94 -29.36 -18.66
N LYS E 14 -3.77 -29.30 -19.99
CA LYS E 14 -2.46 -29.55 -20.63
C LYS E 14 -1.96 -28.28 -21.29
N GLY E 15 -0.69 -27.94 -21.06
CA GLY E 15 -0.14 -26.73 -21.63
C GLY E 15 1.23 -26.96 -22.22
N PRO E 16 1.32 -27.73 -23.32
CA PRO E 16 2.59 -28.04 -23.99
C PRO E 16 3.26 -26.88 -24.71
N GLU E 17 2.52 -25.80 -24.97
CA GLU E 17 3.09 -24.63 -25.65
C GLU E 17 3.43 -23.48 -24.69
N LEU E 18 3.18 -23.70 -23.41
CA LEU E 18 3.44 -22.68 -22.39
C LEU E 18 4.91 -22.56 -22.03
N ARG E 19 5.35 -21.33 -21.80
CA ARG E 19 6.71 -21.02 -21.38
C ARG E 19 6.56 -20.52 -19.96
N ILE E 20 7.11 -21.24 -18.98
CA ILE E 20 6.97 -20.85 -17.58
C ILE E 20 8.29 -20.38 -16.97
N LEU E 21 8.22 -19.33 -16.14
CA LEU E 21 9.39 -18.80 -15.49
C LEU E 21 9.28 -18.95 -13.98
N ILE E 22 10.33 -19.46 -13.37
CA ILE E 22 10.37 -19.65 -11.93
C ILE E 22 11.54 -18.87 -11.35
N VAL E 23 11.25 -17.95 -10.45
CA VAL E 23 12.30 -17.17 -9.82
C VAL E 23 12.22 -17.46 -8.33
N HIS E 24 13.30 -18.00 -7.78
CA HIS E 24 13.33 -18.32 -6.36
C HIS E 24 14.52 -17.69 -5.66
N ALA E 25 14.37 -17.47 -4.35
CA ALA E 25 15.44 -16.90 -3.55
C ALA E 25 16.31 -18.08 -3.19
N ARG E 26 17.49 -17.81 -2.63
CA ARG E 26 18.39 -18.89 -2.26
C ARG E 26 18.51 -19.09 -0.76
N TRP E 27 17.96 -18.16 0.02
CA TRP E 27 18.03 -18.29 1.46
C TRP E 27 17.13 -19.44 1.89
N ASN E 28 17.64 -20.31 2.74
CA ASN E 28 16.87 -21.45 3.23
C ASN E 28 16.57 -22.49 2.14
N LEU E 29 17.62 -22.96 1.46
CA LEU E 29 17.46 -23.92 0.39
C LEU E 29 16.86 -25.23 0.80
N GLN E 30 16.98 -25.58 2.08
CA GLN E 30 16.43 -26.84 2.55
C GLN E 30 14.94 -26.94 2.24
N ALA E 31 14.28 -25.79 2.19
CA ALA E 31 12.85 -25.72 1.92
C ALA E 31 12.56 -25.34 0.46
N ILE E 32 13.44 -24.52 -0.11
CA ILE E 32 13.28 -24.06 -1.49
C ILE E 32 13.32 -25.19 -2.50
N GLU E 33 14.37 -26.00 -2.46
CA GLU E 33 14.51 -27.09 -3.42
C GLU E 33 13.25 -27.91 -3.54
N PRO E 34 12.82 -28.56 -2.46
CA PRO E 34 11.60 -29.36 -2.56
C PRO E 34 10.47 -28.64 -3.31
N LEU E 35 10.25 -27.37 -2.97
CA LEU E 35 9.21 -26.56 -3.59
C LEU E 35 9.42 -26.39 -5.08
N VAL E 36 10.61 -25.90 -5.47
CA VAL E 36 10.94 -25.70 -6.88
C VAL E 36 10.75 -26.99 -7.66
N LYS E 37 11.33 -28.06 -7.12
CA LYS E 37 11.27 -29.37 -7.72
C LYS E 37 9.80 -29.80 -7.88
N GLY E 38 9.00 -29.58 -6.84
CA GLY E 38 7.60 -29.95 -6.88
C GLY E 38 6.85 -29.21 -7.96
N ALA E 39 7.12 -27.91 -8.04
CA ALA E 39 6.49 -27.07 -9.03
C ALA E 39 6.80 -27.63 -10.43
N VAL E 40 8.09 -27.92 -10.67
CA VAL E 40 8.52 -28.44 -11.97
C VAL E 40 7.98 -29.82 -12.33
N GLU E 41 8.13 -30.80 -11.45
CA GLU E 41 7.61 -32.13 -11.76
C GLU E 41 6.12 -32.09 -12.10
N THR E 42 5.33 -31.46 -11.24
CA THR E 42 3.88 -31.38 -11.46
C THR E 42 3.52 -30.79 -12.81
N MET E 43 4.26 -29.77 -13.26
CA MET E 43 3.96 -29.17 -14.54
C MET E 43 4.27 -30.15 -15.69
N ILE E 44 5.38 -30.85 -15.58
CA ILE E 44 5.78 -31.80 -16.60
C ILE E 44 4.92 -33.06 -16.61
N GLU E 45 5.01 -33.84 -15.55
CA GLU E 45 4.27 -35.09 -15.42
C GLU E 45 2.74 -34.98 -15.45
N LYS E 46 2.19 -33.84 -15.06
CA LYS E 46 0.75 -33.74 -15.00
C LYS E 46 0.12 -32.75 -15.98
N HIS E 47 0.90 -31.77 -16.44
CA HIS E 47 0.37 -30.77 -17.37
C HIS E 47 1.03 -30.71 -18.74
N ASP E 48 1.83 -31.73 -19.05
CA ASP E 48 2.53 -31.83 -20.32
C ASP E 48 3.31 -30.58 -20.68
N VAL E 49 3.94 -29.96 -19.70
CA VAL E 49 4.75 -28.78 -19.99
C VAL E 49 6.14 -29.31 -20.34
N LYS E 50 6.75 -28.74 -21.37
CA LYS E 50 8.05 -29.20 -21.83
C LYS E 50 9.22 -28.61 -21.05
N LEU E 51 10.13 -29.47 -20.64
CA LEU E 51 11.30 -29.07 -19.87
C LEU E 51 12.04 -27.90 -20.47
N GLU E 52 12.19 -27.86 -21.79
CA GLU E 52 12.92 -26.74 -22.41
C GLU E 52 12.21 -25.42 -22.22
N ASN E 53 10.91 -25.49 -21.96
CA ASN E 53 10.11 -24.28 -21.79
C ASN E 53 9.96 -23.80 -20.37
N ILE E 54 10.83 -24.27 -19.48
CA ILE E 54 10.78 -23.87 -18.09
C ILE E 54 12.11 -23.20 -17.70
N ASP E 55 12.07 -21.89 -17.52
CA ASP E 55 13.25 -21.12 -17.12
C ASP E 55 13.30 -21.01 -15.62
N ILE E 56 14.40 -21.43 -15.01
CA ILE E 56 14.54 -21.32 -13.58
C ILE E 56 15.65 -20.35 -13.24
N GLU E 57 15.31 -19.22 -12.63
CA GLU E 57 16.29 -18.22 -12.25
C GLU E 57 16.27 -17.98 -10.75
N SER E 58 17.37 -17.48 -10.19
CA SER E 58 17.40 -17.25 -8.76
C SER E 58 17.89 -15.84 -8.38
N VAL E 59 17.65 -15.49 -7.13
CA VAL E 59 18.06 -14.20 -6.61
C VAL E 59 18.49 -14.47 -5.17
N PRO E 60 19.33 -13.60 -4.61
CA PRO E 60 19.81 -13.76 -3.23
C PRO E 60 18.69 -14.06 -2.27
N GLY E 61 17.77 -13.13 -2.11
CA GLY E 61 16.66 -13.32 -1.19
C GLY E 61 15.28 -12.91 -1.68
N SER E 62 14.30 -12.98 -0.78
CA SER E 62 12.93 -12.64 -1.12
C SER E 62 12.69 -11.20 -1.55
N TRP E 63 13.52 -10.28 -1.08
CA TRP E 63 13.35 -8.88 -1.44
C TRP E 63 13.59 -8.67 -2.94
N GLU E 64 14.56 -9.37 -3.49
CA GLU E 64 14.88 -9.24 -4.92
C GLU E 64 13.93 -10.05 -5.80
N LEU E 65 12.95 -10.69 -5.19
CA LEU E 65 12.01 -11.49 -5.93
C LEU E 65 11.20 -10.67 -6.92
N PRO E 66 10.59 -9.55 -6.48
CA PRO E 66 9.82 -8.76 -7.43
C PRO E 66 10.66 -8.20 -8.58
N GLN E 67 11.84 -7.66 -8.26
CA GLN E 67 12.71 -7.07 -9.28
C GLN E 67 13.27 -8.12 -10.20
N GLY E 68 13.45 -9.34 -9.67
CA GLY E 68 13.95 -10.40 -10.50
C GLY E 68 12.91 -10.72 -11.55
N ILE E 69 11.68 -10.88 -11.10
CA ILE E 69 10.61 -11.20 -12.01
C ILE E 69 10.44 -10.10 -13.06
N ARG E 70 10.38 -8.85 -12.61
CA ARG E 70 10.19 -7.72 -13.53
C ARG E 70 11.26 -7.66 -14.62
N ALA E 71 12.52 -7.79 -14.20
CA ALA E 71 13.64 -7.77 -15.13
C ALA E 71 13.52 -8.90 -16.14
N SER E 72 13.21 -10.09 -15.67
CA SER E 72 13.07 -11.23 -16.55
C SER E 72 11.90 -11.19 -17.54
N ILE E 73 10.71 -10.82 -17.09
CA ILE E 73 9.58 -10.80 -18.03
C ILE E 73 9.65 -9.63 -18.99
N ALA E 74 10.76 -8.91 -18.98
CA ALA E 74 10.94 -7.78 -19.88
C ALA E 74 11.83 -8.22 -21.02
N ARG E 75 12.78 -9.11 -20.75
CA ARG E 75 13.69 -9.61 -21.77
C ARG E 75 13.03 -10.71 -22.60
N ASN E 76 12.46 -11.71 -21.93
CA ASN E 76 11.81 -12.81 -22.63
C ASN E 76 10.31 -12.75 -22.45
N THR E 77 9.59 -13.67 -23.08
CA THR E 77 8.13 -13.70 -22.98
C THR E 77 7.67 -14.99 -22.33
N TYR E 78 6.97 -14.87 -21.20
CA TYR E 78 6.49 -16.02 -20.47
C TYR E 78 4.98 -15.96 -20.39
N ASP E 79 4.36 -17.12 -20.16
CA ASP E 79 2.91 -17.17 -20.04
C ASP E 79 2.49 -17.06 -18.59
N ALA E 80 3.42 -17.37 -17.69
CA ALA E 80 3.15 -17.30 -16.26
C ALA E 80 4.48 -17.33 -15.51
N VAL E 81 4.47 -16.74 -14.32
CA VAL E 81 5.65 -16.70 -13.48
C VAL E 81 5.32 -17.21 -12.09
N ILE E 82 6.28 -17.81 -11.43
CA ILE E 82 6.08 -18.30 -10.08
C ILE E 82 7.19 -17.73 -9.23
N GLY E 83 6.84 -17.00 -8.18
CA GLY E 83 7.84 -16.44 -7.31
C GLY E 83 7.92 -17.31 -6.08
N ILE E 84 9.09 -17.90 -5.82
CA ILE E 84 9.26 -18.77 -4.66
C ILE E 84 10.28 -18.24 -3.66
N GLY E 85 9.92 -18.30 -2.39
CA GLY E 85 10.82 -17.81 -1.37
C GLY E 85 10.29 -18.21 -0.02
N VAL E 86 11.13 -18.10 1.00
CA VAL E 86 10.74 -18.46 2.34
C VAL E 86 11.18 -17.40 3.32
N LEU E 87 10.24 -16.92 4.12
CA LEU E 87 10.51 -15.90 5.13
C LEU E 87 10.15 -16.46 6.52
N ILE E 88 11.07 -16.36 7.46
CA ILE E 88 10.81 -16.87 8.79
C ILE E 88 10.92 -15.75 9.82
N LYS E 89 9.97 -15.70 10.74
CA LYS E 89 9.99 -14.64 11.76
C LYS E 89 11.24 -14.69 12.60
N GLY E 90 11.89 -13.54 12.74
CA GLY E 90 13.11 -13.45 13.54
C GLY E 90 12.93 -12.74 14.87
N SER E 91 13.98 -12.08 15.34
CA SER E 91 13.91 -11.38 16.61
C SER E 91 13.45 -9.94 16.43
N THR E 92 13.64 -9.41 15.23
CA THR E 92 13.27 -8.02 14.95
C THR E 92 12.00 -7.94 14.10
N MET E 93 11.64 -6.72 13.72
CA MET E 93 10.45 -6.49 12.92
C MET E 93 10.74 -6.68 11.44
N HIS E 94 11.94 -7.16 11.14
CA HIS E 94 12.38 -7.41 9.78
C HIS E 94 11.40 -8.26 9.00
N PHE E 95 11.04 -9.40 9.56
CA PHE E 95 10.10 -10.33 8.92
C PHE E 95 8.85 -9.62 8.47
N GLU E 96 8.23 -8.91 9.40
CA GLU E 96 7.01 -8.19 9.13
C GLU E 96 7.11 -7.25 7.94
N TYR E 97 8.09 -6.35 7.95
CA TYR E 97 8.21 -5.38 6.87
C TYR E 97 8.61 -5.94 5.53
N ILE E 98 9.48 -6.92 5.52
CA ILE E 98 9.89 -7.48 4.24
C ILE E 98 8.71 -8.22 3.59
N SER E 99 8.03 -9.04 4.37
CA SER E 99 6.89 -9.79 3.87
C SER E 99 5.89 -8.86 3.22
N GLU E 100 5.62 -7.77 3.91
CA GLU E 100 4.67 -6.79 3.41
C GLU E 100 5.13 -6.20 2.08
N ALA E 101 6.37 -5.73 2.02
CA ALA E 101 6.85 -5.15 0.77
C ALA E 101 6.85 -6.14 -0.38
N VAL E 102 7.39 -7.34 -0.16
CA VAL E 102 7.45 -8.33 -1.21
C VAL E 102 6.09 -8.75 -1.73
N VAL E 103 5.14 -8.96 -0.82
CA VAL E 103 3.82 -9.37 -1.26
C VAL E 103 3.16 -8.31 -2.15
N HIS E 104 3.14 -7.07 -1.68
CA HIS E 104 2.56 -5.99 -2.48
C HIS E 104 3.31 -5.89 -3.79
N GLY E 105 4.63 -6.13 -3.73
CA GLY E 105 5.49 -6.06 -4.90
C GLY E 105 5.20 -7.09 -5.98
N LEU E 106 5.01 -8.35 -5.59
CA LEU E 106 4.69 -9.42 -6.54
C LEU E 106 3.36 -9.11 -7.20
N MET E 107 2.38 -8.73 -6.39
CA MET E 107 1.07 -8.40 -6.88
C MET E 107 1.13 -7.29 -7.92
N ARG E 108 2.03 -6.32 -7.71
CA ARG E 108 2.19 -5.22 -8.66
C ARG E 108 2.86 -5.65 -9.95
N VAL E 109 3.99 -6.34 -9.84
CA VAL E 109 4.67 -6.79 -11.05
C VAL E 109 3.65 -7.53 -11.94
N GLY E 110 2.80 -8.33 -11.32
CA GLY E 110 1.81 -9.05 -12.09
C GLY E 110 0.80 -8.16 -12.79
N LEU E 111 0.17 -7.23 -12.07
CA LEU E 111 -0.84 -6.33 -12.63
C LEU E 111 -0.32 -5.32 -13.64
N ASP E 112 0.95 -4.93 -13.50
CA ASP E 112 1.56 -3.96 -14.39
C ASP E 112 1.85 -4.58 -15.75
N SER E 113 2.51 -5.73 -15.72
CA SER E 113 2.90 -6.42 -16.94
C SER E 113 1.81 -7.20 -17.64
N GLY E 114 0.83 -7.69 -16.88
CA GLY E 114 -0.24 -8.47 -17.48
C GLY E 114 0.10 -9.96 -17.44
N VAL E 115 1.23 -10.29 -16.83
CA VAL E 115 1.64 -11.69 -16.74
C VAL E 115 1.22 -12.30 -15.40
N PRO E 116 0.60 -13.48 -15.44
CA PRO E 116 0.19 -14.10 -14.18
C PRO E 116 1.41 -14.34 -13.27
N VAL E 117 1.29 -14.01 -12.00
CA VAL E 117 2.38 -14.24 -11.09
C VAL E 117 1.85 -15.10 -9.95
N ILE E 118 2.31 -16.34 -9.85
CA ILE E 118 1.85 -17.20 -8.79
C ILE E 118 2.63 -16.94 -7.49
N PHE E 119 1.89 -16.87 -6.39
CA PHE E 119 2.46 -16.58 -5.09
C PHE E 119 3.04 -17.82 -4.42
N GLY E 120 4.34 -18.01 -4.55
CA GLY E 120 4.98 -19.16 -3.94
C GLY E 120 5.86 -18.75 -2.80
N LEU E 121 5.40 -17.76 -2.05
CA LEU E 121 6.14 -17.23 -0.92
C LEU E 121 5.62 -17.79 0.39
N LEU E 122 6.49 -18.41 1.18
CA LEU E 122 6.07 -18.94 2.49
C LEU E 122 6.47 -17.96 3.59
N THR E 123 5.50 -17.55 4.42
CA THR E 123 5.79 -16.61 5.50
C THR E 123 5.45 -17.30 6.82
N VAL E 124 6.42 -18.05 7.34
CA VAL E 124 6.23 -18.83 8.54
C VAL E 124 6.86 -18.30 9.83
N LEU E 125 6.55 -18.97 10.93
CA LEU E 125 7.07 -18.61 12.24
C LEU E 125 8.34 -19.36 12.56
N ASN E 126 8.56 -20.47 11.86
CA ASN E 126 9.75 -21.28 12.09
C ASN E 126 10.03 -22.26 10.95
N GLU E 127 11.26 -22.75 10.91
CA GLU E 127 11.72 -23.70 9.89
C GLU E 127 10.76 -24.87 9.72
N GLU E 128 10.38 -25.49 10.83
CA GLU E 128 9.47 -26.62 10.81
C GLU E 128 8.27 -26.40 9.92
N GLN E 129 7.59 -25.27 10.11
CA GLN E 129 6.41 -24.97 9.31
C GLN E 129 6.73 -24.87 7.83
N ALA E 130 7.90 -24.33 7.50
CA ALA E 130 8.30 -24.18 6.11
C ALA E 130 8.45 -25.53 5.44
N LEU E 131 9.23 -26.40 6.07
CA LEU E 131 9.49 -27.75 5.55
C LEU E 131 8.21 -28.55 5.37
N TYR E 132 7.31 -28.43 6.34
CA TYR E 132 6.06 -29.16 6.29
C TYR E 132 5.26 -28.81 5.04
N ARG E 133 5.27 -27.53 4.66
CA ARG E 133 4.53 -27.08 3.50
C ARG E 133 5.36 -27.28 2.25
N ALA E 134 6.51 -27.91 2.44
CA ALA E 134 7.42 -28.21 1.34
C ALA E 134 7.33 -29.71 1.07
N GLY E 135 6.38 -30.37 1.73
CA GLY E 135 6.19 -31.80 1.55
C GLY E 135 6.95 -32.73 2.50
N LEU E 136 7.82 -32.18 3.35
CA LEU E 136 8.57 -33.00 4.29
C LEU E 136 7.76 -33.31 5.54
N ASN E 137 8.30 -34.23 6.33
CA ASN E 137 7.67 -34.64 7.57
C ASN E 137 6.16 -34.78 7.51
N GLY E 138 5.68 -35.40 6.43
CA GLY E 138 4.26 -35.65 6.27
C GLY E 138 3.36 -34.54 5.76
N GLY E 139 3.94 -33.41 5.37
CA GLY E 139 3.12 -32.33 4.86
C GLY E 139 2.89 -32.41 3.36
N HIS E 140 2.02 -31.57 2.83
CA HIS E 140 1.70 -31.53 1.41
C HIS E 140 2.64 -30.55 0.71
N ASN E 141 3.23 -30.94 -0.42
CA ASN E 141 4.14 -30.03 -1.11
C ASN E 141 3.35 -28.94 -1.81
N HIS E 142 3.46 -27.72 -1.31
CA HIS E 142 2.76 -26.60 -1.91
C HIS E 142 3.27 -26.22 -3.30
N GLY E 143 4.48 -26.64 -3.64
CA GLY E 143 5.03 -26.34 -4.94
C GLY E 143 4.25 -27.00 -6.08
N ASN E 144 3.63 -28.13 -5.77
CA ASN E 144 2.85 -28.84 -6.78
C ASN E 144 1.66 -27.98 -7.11
N ASP E 145 1.08 -27.38 -6.07
CA ASP E 145 -0.08 -26.53 -6.23
C ASP E 145 0.23 -25.33 -7.11
N TRP E 146 1.37 -24.71 -6.85
CA TRP E 146 1.77 -23.54 -7.62
C TRP E 146 1.98 -23.86 -9.10
N GLY E 147 2.38 -25.09 -9.38
CA GLY E 147 2.60 -25.52 -10.75
C GLY E 147 1.33 -25.60 -11.57
N SER E 148 0.28 -26.18 -11.00
CA SER E 148 -0.99 -26.31 -11.70
C SER E 148 -1.62 -24.93 -11.85
N ALA E 149 -1.45 -24.08 -10.84
CA ALA E 149 -2.00 -22.73 -10.89
C ALA E 149 -1.35 -21.96 -12.02
N ALA E 150 -0.02 -22.12 -12.15
CA ALA E 150 0.74 -21.46 -13.20
C ALA E 150 0.22 -21.92 -14.58
N VAL E 151 0.04 -23.22 -14.73
CA VAL E 151 -0.45 -23.73 -16.01
C VAL E 151 -1.84 -23.18 -16.31
N GLU E 152 -2.72 -23.24 -15.31
CA GLU E 152 -4.07 -22.76 -15.50
C GLU E 152 -4.11 -21.27 -15.83
N MET E 153 -3.36 -20.46 -15.10
CA MET E 153 -3.38 -19.05 -15.38
C MET E 153 -2.75 -18.79 -16.74
N GLY E 154 -1.74 -19.58 -17.07
CA GLY E 154 -1.09 -19.39 -18.37
C GLY E 154 -2.07 -19.55 -19.51
N LEU E 155 -2.86 -20.61 -19.45
CA LEU E 155 -3.85 -20.89 -20.49
C LEU E 155 -4.98 -19.87 -20.53
N LYS E 156 -5.50 -19.47 -19.37
CA LYS E 156 -6.60 -18.52 -19.36
C LYS E 156 -6.20 -17.16 -19.89
N ALA E 157 -4.90 -16.88 -19.86
CA ALA E 157 -4.38 -15.61 -20.37
C ALA E 157 -4.20 -15.67 -21.89
N LEU E 158 -4.55 -16.83 -22.48
CA LEU E 158 -4.44 -17.05 -23.92
C LEU E 158 -3.02 -16.84 -24.48
P PO4 F . -1.47 -21.96 6.46
O1 PO4 F . -0.75 -22.10 7.75
O2 PO4 F . -0.54 -22.21 5.33
O3 PO4 F . -2.59 -22.93 6.41
O4 PO4 F . -2.00 -20.58 6.38
P PO4 G . -18.30 -9.39 9.92
O1 PO4 G . -18.74 -7.99 9.75
O2 PO4 G . -19.06 -10.03 11.02
O3 PO4 G . -18.53 -10.14 8.66
O4 PO4 G . -16.84 -9.41 10.27
P PO4 H . -11.47 9.08 17.78
O1 PO4 H . -10.28 9.64 17.11
O2 PO4 H . -12.69 9.70 17.22
O3 PO4 H . -11.52 7.61 17.56
O4 PO4 H . -11.40 9.35 19.24
P PO4 I . 9.77 8.17 19.16
O1 PO4 I . 8.47 7.56 18.79
O2 PO4 I . 9.61 9.64 19.30
O3 PO4 I . 10.23 7.61 20.44
O4 PO4 I . 10.77 7.89 18.10
P PO4 J . 15.85 -10.99 12.25
O1 PO4 J . 16.07 -12.12 11.32
O2 PO4 J . 16.03 -11.45 13.66
O3 PO4 J . 16.82 -9.91 11.96
O4 PO4 J . 14.46 -10.47 12.09
#